data_2Y1G
#
_entry.id   2Y1G
#
_cell.length_a   67.525
_cell.length_b   65.022
_cell.length_c   86.227
_cell.angle_alpha   90.00
_cell.angle_beta   101.88
_cell.angle_gamma   90.00
#
_symmetry.space_group_name_H-M   'P 1 21 1'
#
loop_
_entity.id
_entity.type
_entity.pdbx_description
1 polymer '1-DEOXY-D-XYLULOSE 5-PHOSPHATE REDUCTOISOMERASE'
2 non-polymer '3-(N-HYDROXYACETAMIDO)-1-(3,4-DICHLOROPHENYL)PROPYLPHOSPHONIC ACID'
3 non-polymer 'MANGANESE (II) ION'
4 non-polymer 'SULFATE ION'
5 water water
#
_entity_poly.entity_id   1
_entity_poly.type   'polypeptide(L)'
_entity_poly.pdbx_seq_one_letter_code
;TMAHHHHHHVTNSTDGRADGRLRVVVLGSTGSIGTQALQVIADNPDRFEVVGLAAGGAHLDTLLRQRAQTGVTNIAVADE
HAAQRVGDIPYHGSDAATRLVEQTEADVVLNALVGALGLRPTLAALKTGARLALANKESLVAGGSLVLRAARPGQIVPVD
SEHSALAQCLRGGTPDEVAKLVLTASGGPFRGWSAADLEHVTPEQAGAHPTWSMGPMNTLNSASLVNKGLEVIETHLLFG
IPYDRIDVVVHPQSIIHSMVTFIDGSTIAQASPPDMKLPISLALGWPRRVSGAAAACDFHTASSWEFEPLDTDVFPAVEL
ARQAGVAGGCMTAVYNAANEEAAAAFLAGRIGFPAIVGIIADVLHAADQWAVEPATVDDVLDAQRWARERAQRAVSGM
;
_entity_poly.pdbx_strand_id   A,B
#
loop_
_chem_comp.id
_chem_comp.type
_chem_comp.name
_chem_comp.formula
FM5 non-polymer '3-(N-HYDROXYACETAMIDO)-1-(3,4-DICHLOROPHENYL)PROPYLPHOSPHONIC ACID' 'C11 H14 Cl2 N O5 P'
MN non-polymer 'MANGANESE (II) ION' 'Mn 2'
SO4 non-polymer 'SULFATE ION' 'O4 S -2'
#
# COMPACT_ATOMS: atom_id res chain seq x y z
N GLY A 20 21.29 -9.70 -20.26
CA GLY A 20 20.37 -9.26 -19.16
C GLY A 20 20.13 -10.27 -18.04
N ARG A 21 20.86 -11.39 -18.08
CA ARG A 21 20.87 -12.33 -16.96
C ARG A 21 21.72 -11.73 -15.85
N LEU A 22 21.22 -11.79 -14.63
CA LEU A 22 22.01 -11.35 -13.50
C LEU A 22 22.74 -12.53 -12.86
N ARG A 23 24.05 -12.38 -12.70
CA ARG A 23 24.89 -13.38 -12.04
C ARG A 23 24.82 -13.18 -10.53
N VAL A 24 24.38 -14.23 -9.83
CA VAL A 24 24.12 -14.19 -8.39
C VAL A 24 25.05 -15.08 -7.59
N VAL A 25 25.67 -14.52 -6.55
CA VAL A 25 26.39 -15.33 -5.57
C VAL A 25 25.50 -15.52 -4.35
N VAL A 26 25.33 -16.77 -3.93
CA VAL A 26 24.50 -17.06 -2.77
C VAL A 26 25.36 -17.51 -1.61
N LEU A 27 25.40 -16.68 -0.56
CA LEU A 27 26.12 -16.97 0.66
C LEU A 27 25.14 -17.45 1.72
N GLY A 28 25.46 -18.57 2.36
CA GLY A 28 24.52 -19.25 3.25
C GLY A 28 23.47 -20.05 2.49
N SER A 29 23.90 -20.83 1.51
CA SER A 29 22.99 -21.45 0.54
C SER A 29 22.11 -22.61 1.08
N THR A 30 22.56 -23.22 2.19
CA THR A 30 21.92 -24.42 2.72
C THR A 30 20.80 -24.10 3.71
N GLY A 31 20.73 -22.84 4.17
CA GLY A 31 19.66 -22.42 5.07
C GLY A 31 18.38 -22.12 4.29
N SER A 32 17.39 -21.65 5.02
CA SER A 32 16.04 -21.40 4.51
C SER A 32 15.99 -20.36 3.37
N ILE A 33 16.62 -19.21 3.59
CA ILE A 33 16.66 -18.15 2.58
C ILE A 33 17.48 -18.58 1.38
N GLY A 34 18.63 -19.22 1.66
CA GLY A 34 19.50 -19.75 0.61
C GLY A 34 18.79 -20.69 -0.33
N THR A 35 18.07 -21.67 0.23
CA THR A 35 17.38 -22.67 -0.57
C THR A 35 16.20 -22.09 -1.37
N GLN A 36 15.46 -21.17 -0.76
CA GLN A 36 14.35 -20.53 -1.46
C GLN A 36 14.85 -19.63 -2.59
N ALA A 37 16.00 -18.99 -2.41
CA ALA A 37 16.64 -18.20 -3.46
C ALA A 37 17.03 -19.05 -4.67
N LEU A 38 17.58 -20.24 -4.41
CA LEU A 38 17.95 -21.16 -5.49
C LEU A 38 16.70 -21.60 -6.29
N GLN A 39 15.59 -21.78 -5.58
CA GLN A 39 14.31 -22.06 -6.21
C GLN A 39 13.81 -20.91 -7.11
N VAL A 40 13.88 -19.68 -6.60
CA VAL A 40 13.55 -18.48 -7.40
C VAL A 40 14.43 -18.38 -8.66
N ILE A 41 15.73 -18.63 -8.50
CA ILE A 41 16.67 -18.56 -9.62
C ILE A 41 16.40 -19.68 -10.64
N ALA A 42 16.14 -20.89 -10.14
CA ALA A 42 15.81 -22.05 -10.99
C ALA A 42 14.51 -21.88 -11.78
N ASP A 43 13.53 -21.19 -11.19
CA ASP A 43 12.25 -20.92 -11.85
C ASP A 43 12.38 -19.79 -12.87
N ASN A 44 13.50 -19.06 -12.83
CA ASN A 44 13.67 -17.84 -13.62
C ASN A 44 15.02 -17.74 -14.34
N PRO A 45 15.36 -18.76 -15.16
CA PRO A 45 16.71 -18.83 -15.75
C PRO A 45 17.02 -17.64 -16.67
N ASP A 46 15.98 -16.99 -17.21
CA ASP A 46 16.17 -15.85 -18.10
C ASP A 46 16.59 -14.58 -17.38
N ARG A 47 16.32 -14.50 -16.08
N ARG A 47 16.32 -14.51 -16.08
CA ARG A 47 16.68 -13.32 -15.28
CA ARG A 47 16.63 -13.36 -15.24
C ARG A 47 17.89 -13.56 -14.37
C ARG A 47 17.88 -13.57 -14.39
N PHE A 48 18.05 -14.79 -13.88
CA PHE A 48 19.05 -15.09 -12.88
C PHE A 48 19.96 -16.28 -13.20
N GLU A 49 21.21 -16.17 -12.80
CA GLU A 49 22.17 -17.27 -12.90
C GLU A 49 23.03 -17.35 -11.63
N VAL A 50 23.02 -18.51 -10.97
CA VAL A 50 23.90 -18.78 -9.82
C VAL A 50 25.33 -18.97 -10.29
N VAL A 51 26.26 -18.18 -9.74
CA VAL A 51 27.68 -18.27 -10.11
C VAL A 51 28.58 -18.60 -8.91
N GLY A 52 27.99 -18.73 -7.73
CA GLY A 52 28.75 -19.04 -6.52
C GLY A 52 27.88 -19.43 -5.34
N LEU A 53 28.41 -20.34 -4.54
CA LEU A 53 27.74 -20.84 -3.36
C LEU A 53 28.68 -20.83 -2.17
N ALA A 54 28.20 -20.38 -1.02
CA ALA A 54 28.98 -20.50 0.22
C ALA A 54 28.12 -21.08 1.33
N ALA A 55 28.71 -21.96 2.13
CA ALA A 55 28.06 -22.57 3.28
C ALA A 55 29.07 -22.84 4.39
N GLY A 56 28.57 -23.16 5.59
CA GLY A 56 29.42 -23.41 6.75
C GLY A 56 30.06 -24.79 6.79
N GLY A 57 29.37 -25.79 6.23
CA GLY A 57 29.86 -27.17 6.23
C GLY A 57 29.11 -28.13 7.15
N ALA A 58 28.06 -27.64 7.81
CA ALA A 58 27.26 -28.47 8.73
C ALA A 58 26.17 -29.26 8.00
N HIS A 59 25.86 -28.86 6.78
CA HIS A 59 24.85 -29.52 5.97
C HIS A 59 25.43 -29.90 4.62
N LEU A 60 26.39 -30.82 4.64
CA LEU A 60 27.10 -31.24 3.43
C LEU A 60 26.21 -31.94 2.42
N ASP A 61 25.23 -32.70 2.92
CA ASP A 61 24.22 -33.34 2.08
C ASP A 61 23.52 -32.33 1.16
N THR A 62 23.04 -31.25 1.77
CA THR A 62 22.33 -30.18 1.05
C THR A 62 23.25 -29.49 0.05
N LEU A 63 24.43 -29.10 0.50
CA LEU A 63 25.40 -28.41 -0.37
C LEU A 63 25.80 -29.27 -1.56
N LEU A 64 26.03 -30.56 -1.33
CA LEU A 64 26.40 -31.47 -2.42
C LEU A 64 25.28 -31.61 -3.45
N ARG A 65 24.05 -31.63 -2.96
CA ARG A 65 22.89 -31.67 -3.84
C ARG A 65 22.80 -30.38 -4.62
N GLN A 66 23.08 -29.26 -3.94
CA GLN A 66 23.06 -27.95 -4.60
C GLN A 66 24.10 -27.83 -5.72
N ARG A 67 25.31 -28.35 -5.48
CA ARG A 67 26.35 -28.39 -6.51
C ARG A 67 25.91 -29.22 -7.74
N ALA A 68 25.32 -30.39 -7.47
CA ALA A 68 24.84 -31.29 -8.53
C ALA A 68 23.70 -30.68 -9.34
N GLN A 69 22.80 -29.98 -8.66
CA GLN A 69 21.59 -29.44 -9.28
C GLN A 69 21.85 -28.15 -10.06
N THR A 70 22.73 -27.29 -9.54
CA THR A 70 23.06 -26.03 -10.20
C THR A 70 24.24 -26.16 -11.15
N GLY A 71 25.11 -27.14 -10.90
CA GLY A 71 26.33 -27.30 -11.70
C GLY A 71 27.46 -26.37 -11.30
N VAL A 72 27.27 -25.62 -10.21
CA VAL A 72 28.27 -24.66 -9.74
C VAL A 72 29.28 -25.35 -8.81
N THR A 73 30.55 -25.30 -9.20
CA THR A 73 31.66 -25.88 -8.43
C THR A 73 32.43 -24.78 -7.69
N ASN A 74 32.17 -23.54 -8.09
CA ASN A 74 32.70 -22.36 -7.40
C ASN A 74 32.04 -22.21 -6.01
N ILE A 75 32.64 -22.89 -5.03
CA ILE A 75 32.00 -23.06 -3.73
C ILE A 75 32.96 -22.72 -2.58
N ALA A 76 32.42 -22.08 -1.55
CA ALA A 76 33.15 -21.81 -0.31
C ALA A 76 32.56 -22.60 0.85
N VAL A 77 33.42 -23.26 1.61
CA VAL A 77 33.01 -24.00 2.81
C VAL A 77 33.85 -23.50 3.98
N ALA A 78 33.18 -22.94 4.99
CA ALA A 78 33.86 -22.35 6.16
C ALA A 78 34.66 -23.36 6.99
N ASP A 79 34.08 -24.52 7.28
CA ASP A 79 34.76 -25.52 8.12
C ASP A 79 35.77 -26.32 7.30
N GLU A 80 37.03 -26.28 7.75
CA GLU A 80 38.15 -26.91 7.04
C GLU A 80 37.99 -28.43 6.93
N HIS A 81 37.61 -29.05 8.04
CA HIS A 81 37.37 -30.48 8.11
C HIS A 81 36.25 -30.90 7.15
N ALA A 82 35.13 -30.15 7.18
CA ALA A 82 33.99 -30.41 6.30
C ALA A 82 34.34 -30.22 4.83
N ALA A 83 35.13 -29.18 4.53
CA ALA A 83 35.59 -28.90 3.17
C ALA A 83 36.51 -30.01 2.67
N GLN A 84 37.26 -30.59 3.62
CA GLN A 84 38.14 -31.71 3.38
C GLN A 84 37.32 -32.94 3.01
N ARG A 85 36.28 -33.22 3.81
CA ARG A 85 35.36 -34.34 3.56
C ARG A 85 34.69 -34.29 2.20
N VAL A 86 34.53 -33.10 1.64
CA VAL A 86 33.99 -32.93 0.30
C VAL A 86 35.09 -33.13 -0.74
N GLY A 87 36.23 -32.46 -0.52
CA GLY A 87 37.36 -32.52 -1.43
C GLY A 87 37.24 -31.54 -2.58
N ASP A 88 38.37 -30.93 -2.95
CA ASP A 88 38.51 -30.10 -4.15
C ASP A 88 37.69 -28.79 -4.15
N ILE A 89 37.34 -28.32 -2.96
CA ILE A 89 36.62 -27.05 -2.78
C ILE A 89 37.61 -25.90 -3.06
N PRO A 90 37.25 -24.95 -3.94
CA PRO A 90 38.17 -23.84 -4.24
C PRO A 90 38.43 -22.88 -3.06
N TYR A 91 37.46 -22.74 -2.16
CA TYR A 91 37.60 -21.81 -1.04
C TYR A 91 37.19 -22.49 0.25
N HIS A 92 38.09 -22.51 1.22
CA HIS A 92 37.84 -23.22 2.49
C HIS A 92 38.47 -22.52 3.69
N GLY A 93 37.81 -22.62 4.85
CA GLY A 93 38.31 -21.92 6.04
C GLY A 93 37.53 -20.65 6.34
N SER A 94 37.82 -20.05 7.48
CA SER A 94 36.97 -18.98 8.03
C SER A 94 36.72 -17.82 7.09
N ASP A 95 37.68 -17.51 6.23
CA ASP A 95 37.55 -16.37 5.32
C ASP A 95 37.10 -16.77 3.91
N ALA A 96 36.66 -18.02 3.75
CA ALA A 96 36.31 -18.57 2.44
C ALA A 96 35.18 -17.79 1.75
N ALA A 97 34.11 -17.49 2.46
CA ALA A 97 32.99 -16.75 1.88
C ALA A 97 33.44 -15.37 1.38
N THR A 98 34.23 -14.70 2.18
CA THR A 98 34.79 -13.39 1.79
C THR A 98 35.63 -13.51 0.53
N ARG A 99 36.53 -14.50 0.47
CA ARG A 99 37.39 -14.73 -0.69
C ARG A 99 36.60 -15.08 -1.95
N LEU A 100 35.56 -15.91 -1.82
CA LEU A 100 34.64 -16.17 -2.93
C LEU A 100 34.05 -14.88 -3.49
N VAL A 101 33.60 -13.99 -2.62
CA VAL A 101 33.01 -12.72 -3.03
C VAL A 101 34.02 -11.86 -3.81
N GLU A 102 35.22 -11.72 -3.25
CA GLU A 102 36.29 -10.92 -3.84
C GLU A 102 36.68 -11.40 -5.26
N GLN A 103 36.66 -12.71 -5.47
CA GLN A 103 37.21 -13.32 -6.69
C GLN A 103 36.20 -13.76 -7.75
N THR A 104 34.90 -13.69 -7.44
CA THR A 104 33.85 -14.09 -8.36
C THR A 104 33.17 -12.88 -8.97
N GLU A 105 33.13 -12.83 -10.30
CA GLU A 105 32.42 -11.76 -10.99
C GLU A 105 30.92 -11.96 -10.86
N ALA A 106 30.24 -10.95 -10.32
CA ALA A 106 28.81 -11.07 -10.04
C ALA A 106 28.09 -9.73 -10.16
N ASP A 107 26.77 -9.79 -10.29
CA ASP A 107 25.94 -8.60 -10.31
C ASP A 107 25.23 -8.42 -8.97
N VAL A 108 24.98 -9.55 -8.29
CA VAL A 108 24.25 -9.55 -7.02
C VAL A 108 24.87 -10.55 -6.06
N VAL A 109 25.14 -10.09 -4.84
CA VAL A 109 25.56 -11.00 -3.76
C VAL A 109 24.39 -11.12 -2.79
N LEU A 110 23.83 -12.31 -2.69
CA LEU A 110 22.86 -12.61 -1.64
C LEU A 110 23.60 -13.10 -0.40
N ASN A 111 23.61 -12.26 0.64
CA ASN A 111 24.20 -12.64 1.90
C ASN A 111 23.13 -13.14 2.85
N ALA A 112 23.00 -14.47 2.92
CA ALA A 112 22.10 -15.11 3.86
C ALA A 112 22.89 -15.89 4.92
N LEU A 113 24.12 -15.46 5.17
CA LEU A 113 24.90 -16.03 6.27
C LEU A 113 24.27 -15.63 7.59
N VAL A 114 24.48 -16.42 8.63
CA VAL A 114 23.86 -16.19 9.93
C VAL A 114 24.81 -15.54 10.93
N GLY A 115 24.30 -14.55 11.66
CA GLY A 115 25.07 -13.92 12.75
C GLY A 115 26.31 -13.17 12.30
N ALA A 116 27.38 -13.32 13.05
CA ALA A 116 28.57 -12.46 12.93
C ALA A 116 29.47 -12.77 11.75
N LEU A 117 29.43 -14.00 11.24
CA LEU A 117 30.24 -14.34 10.07
C LEU A 117 29.81 -13.61 8.78
N GLY A 118 28.69 -12.90 8.83
CA GLY A 118 28.19 -12.15 7.67
C GLY A 118 28.88 -10.83 7.40
N LEU A 119 29.55 -10.27 8.40
CA LEU A 119 30.10 -8.90 8.29
C LEU A 119 31.17 -8.72 7.21
N ARG A 120 32.21 -9.54 7.24
CA ARG A 120 33.28 -9.39 6.27
C ARG A 120 32.82 -9.66 4.82
N PRO A 121 32.00 -10.71 4.60
CA PRO A 121 31.45 -10.89 3.25
C PRO A 121 30.55 -9.74 2.77
N THR A 122 29.84 -9.10 3.71
CA THR A 122 29.03 -7.92 3.36
C THR A 122 29.96 -6.80 2.88
N LEU A 123 31.05 -6.59 3.60
CA LEU A 123 31.97 -5.50 3.26
C LEU A 123 32.67 -5.76 1.94
N ALA A 124 33.08 -7.00 1.72
CA ALA A 124 33.69 -7.43 0.46
C ALA A 124 32.73 -7.22 -0.72
N ALA A 125 31.46 -7.61 -0.53
CA ALA A 125 30.43 -7.47 -1.54
C ALA A 125 30.25 -6.03 -1.98
N LEU A 126 30.09 -5.14 -0.99
CA LEU A 126 29.92 -3.72 -1.29
C LEU A 126 31.10 -3.19 -2.09
N LYS A 127 32.30 -3.59 -1.71
CA LYS A 127 33.54 -3.17 -2.38
C LYS A 127 33.67 -3.58 -3.85
N THR A 128 32.98 -4.66 -4.25
CA THR A 128 32.97 -5.11 -5.66
C THR A 128 32.07 -4.25 -6.54
N GLY A 129 31.13 -3.52 -5.94
CA GLY A 129 30.20 -2.69 -6.68
C GLY A 129 28.88 -3.37 -6.97
N ALA A 130 28.80 -4.67 -6.66
CA ALA A 130 27.59 -5.46 -6.88
C ALA A 130 26.46 -5.06 -5.92
N ARG A 131 25.22 -5.36 -6.31
CA ARG A 131 24.09 -5.18 -5.41
C ARG A 131 24.22 -6.19 -4.28
N LEU A 132 24.03 -5.72 -3.05
CA LEU A 132 24.00 -6.62 -1.92
C LEU A 132 22.55 -6.87 -1.50
N ALA A 133 22.04 -8.05 -1.86
CA ALA A 133 20.74 -8.52 -1.38
C ALA A 133 20.96 -9.07 0.04
N LEU A 134 20.60 -8.26 1.02
CA LEU A 134 21.01 -8.50 2.41
C LEU A 134 19.95 -9.23 3.23
N ALA A 135 20.24 -10.48 3.59
CA ALA A 135 19.39 -11.23 4.51
C ALA A 135 20.01 -11.25 5.91
N ASN A 136 21.32 -11.08 5.97
CA ASN A 136 22.06 -11.02 7.21
C ASN A 136 21.98 -9.63 7.82
N LYS A 137 20.96 -9.39 8.65
CA LYS A 137 20.75 -8.06 9.22
C LYS A 137 21.81 -7.72 10.27
N GLU A 138 22.38 -8.75 10.90
CA GLU A 138 23.51 -8.61 11.82
C GLU A 138 24.67 -7.79 11.24
N SER A 139 25.02 -8.04 9.99
CA SER A 139 26.14 -7.34 9.36
C SER A 139 25.90 -5.83 9.27
N LEU A 140 24.66 -5.43 8.99
CA LEU A 140 24.28 -4.02 8.98
C LEU A 140 24.11 -3.43 10.39
N VAL A 141 23.49 -4.19 11.29
CA VAL A 141 23.29 -3.74 12.67
C VAL A 141 24.62 -3.54 13.39
N ALA A 142 25.55 -4.46 13.18
CA ALA A 142 26.87 -4.39 13.81
C ALA A 142 27.79 -3.42 13.07
N GLY A 143 27.79 -3.51 11.75
CA GLY A 143 28.61 -2.65 10.89
C GLY A 143 28.30 -1.18 10.97
N GLY A 144 27.01 -0.84 11.02
CA GLY A 144 26.59 0.55 11.16
C GLY A 144 27.17 1.42 10.06
N SER A 145 27.77 2.55 10.46
CA SER A 145 28.32 3.52 9.50
C SER A 145 29.51 3.01 8.69
N LEU A 146 30.21 2.01 9.20
CA LEU A 146 31.26 1.34 8.43
C LEU A 146 30.68 0.71 7.16
N VAL A 147 29.58 -0.01 7.31
CA VAL A 147 28.88 -0.61 6.17
C VAL A 147 28.28 0.45 5.23
N LEU A 148 27.62 1.46 5.82
CA LEU A 148 26.99 2.53 5.04
C LEU A 148 27.98 3.34 4.21
N ARG A 149 29.18 3.56 4.73
CA ARG A 149 30.21 4.33 4.01
C ARG A 149 30.76 3.54 2.84
N ALA A 150 30.69 2.21 2.94
CA ALA A 150 31.14 1.30 1.88
C ALA A 150 30.13 1.19 0.74
N ALA A 151 28.87 1.54 1.01
CA ALA A 151 27.79 1.40 0.04
C ALA A 151 27.46 2.69 -0.72
N ARG A 152 27.15 2.55 -2.01
CA ARG A 152 26.54 3.62 -2.78
C ARG A 152 25.01 3.63 -2.50
N PRO A 153 24.31 4.72 -2.89
CA PRO A 153 22.86 4.77 -2.68
C PRO A 153 22.14 3.64 -3.42
N GLY A 154 21.28 2.91 -2.73
CA GLY A 154 20.54 1.80 -3.35
C GLY A 154 21.30 0.49 -3.56
N GLN A 155 22.57 0.44 -3.15
CA GLN A 155 23.36 -0.78 -3.35
C GLN A 155 22.87 -1.92 -2.47
N ILE A 156 22.47 -1.57 -1.25
CA ILE A 156 21.94 -2.55 -0.30
C ILE A 156 20.44 -2.65 -0.49
N VAL A 157 19.98 -3.86 -0.82
CA VAL A 157 18.55 -4.10 -1.04
C VAL A 157 18.11 -5.19 -0.06
N PRO A 158 17.14 -4.88 0.82
CA PRO A 158 16.78 -5.78 1.91
C PRO A 158 15.96 -7.01 1.47
N VAL A 159 16.29 -8.13 2.07
CA VAL A 159 15.60 -9.39 1.81
C VAL A 159 14.54 -9.57 2.88
N ASP A 160 14.76 -8.96 4.04
CA ASP A 160 13.86 -9.06 5.19
C ASP A 160 12.46 -8.61 4.77
N SER A 161 11.42 -9.36 5.15
CA SER A 161 10.05 -9.04 4.65
C SER A 161 9.56 -7.64 5.00
N GLU A 162 9.88 -7.17 6.22
CA GLU A 162 9.46 -5.83 6.68
C GLU A 162 10.13 -4.75 5.86
N HIS A 163 11.42 -4.90 5.64
CA HIS A 163 12.17 -3.87 4.91
C HIS A 163 11.87 -3.86 3.43
N SER A 164 11.59 -5.04 2.86
CA SER A 164 11.15 -5.14 1.49
C SER A 164 9.82 -4.38 1.31
N ALA A 165 8.92 -4.57 2.27
CA ALA A 165 7.63 -3.89 2.30
C ALA A 165 7.77 -2.36 2.38
N LEU A 166 8.57 -1.90 3.32
CA LEU A 166 8.90 -0.47 3.44
C LEU A 166 9.43 0.12 2.13
N ALA A 167 10.41 -0.54 1.51
CA ALA A 167 10.94 -0.07 0.23
C ALA A 167 9.86 0.10 -0.85
N GLN A 168 8.91 -0.83 -0.90
CA GLN A 168 7.79 -0.76 -1.86
C GLN A 168 6.85 0.40 -1.51
N CYS A 169 6.52 0.53 -0.23
CA CYS A 169 5.57 1.56 0.25
C CYS A 169 6.10 2.98 0.13
N LEU A 170 7.43 3.13 0.24
CA LEU A 170 8.09 4.43 0.08
C LEU A 170 7.93 4.99 -1.34
N ARG A 171 7.55 4.12 -2.28
CA ARG A 171 7.20 4.56 -3.65
C ARG A 171 5.92 5.40 -3.66
N GLY A 172 5.18 5.39 -2.56
CA GLY A 172 3.91 6.15 -2.43
C GLY A 172 4.07 7.66 -2.26
N GLY A 173 5.32 8.12 -2.12
CA GLY A 173 5.58 9.56 -2.08
C GLY A 173 7.07 9.89 -2.16
N THR A 174 7.38 11.16 -1.99
CA THR A 174 8.77 11.63 -2.00
C THR A 174 9.30 11.58 -0.56
N PRO A 175 10.64 11.54 -0.39
CA PRO A 175 11.23 11.53 0.95
C PRO A 175 10.68 12.61 1.91
N ASP A 176 10.43 13.82 1.43
CA ASP A 176 9.91 14.88 2.29
C ASP A 176 8.45 14.65 2.74
N GLU A 177 7.79 13.66 2.15
CA GLU A 177 6.38 13.38 2.47
C GLU A 177 6.21 12.26 3.48
N VAL A 178 7.31 11.62 3.83
CA VAL A 178 7.27 10.52 4.79
C VAL A 178 7.13 11.05 6.22
N ALA A 179 6.10 10.58 6.91
CA ALA A 179 5.90 10.95 8.31
C ALA A 179 6.43 9.87 9.27
N LYS A 180 5.99 8.63 9.07
CA LYS A 180 6.32 7.50 9.95
C LYS A 180 6.55 6.24 9.13
N LEU A 181 7.48 5.40 9.60
CA LEU A 181 7.58 4.02 9.10
C LEU A 181 6.97 3.12 10.17
N VAL A 182 6.09 2.21 9.76
CA VAL A 182 5.41 1.34 10.70
C VAL A 182 5.78 -0.11 10.40
N LEU A 183 6.56 -0.69 11.32
CA LEU A 183 7.01 -2.06 11.23
C LEU A 183 5.96 -2.93 11.90
N THR A 184 5.51 -3.97 11.22
CA THR A 184 4.59 -4.93 11.84
C THR A 184 5.40 -6.01 12.57
N ALA A 185 4.86 -6.55 13.66
CA ALA A 185 5.51 -7.63 14.39
C ALA A 185 4.51 -8.75 14.65
N SER A 186 4.93 -9.99 14.48
CA SER A 186 4.02 -11.13 14.74
C SER A 186 3.56 -11.16 16.19
N GLY A 187 4.45 -10.76 17.09
CA GLY A 187 4.16 -10.80 18.53
C GLY A 187 4.82 -12.01 19.17
N GLY A 188 5.15 -13.00 18.35
CA GLY A 188 5.76 -14.25 18.81
C GLY A 188 4.77 -15.13 19.55
N PRO A 189 5.21 -16.33 20.00
CA PRO A 189 4.30 -17.25 20.68
C PRO A 189 3.83 -16.78 22.06
N PHE A 190 4.45 -15.72 22.57
CA PHE A 190 4.18 -15.29 23.94
C PHE A 190 3.45 -13.95 23.99
N ARG A 191 2.88 -13.55 22.85
CA ARG A 191 2.03 -12.37 22.76
C ARG A 191 0.91 -12.46 23.79
N GLY A 192 0.75 -11.39 24.57
CA GLY A 192 -0.28 -11.34 25.59
C GLY A 192 0.14 -11.87 26.95
N TRP A 193 1.20 -12.68 26.98
CA TRP A 193 1.71 -13.28 28.23
C TRP A 193 2.25 -12.21 29.16
N SER A 194 2.14 -12.47 30.47
CA SER A 194 2.72 -11.61 31.50
C SER A 194 4.21 -11.90 31.69
N ALA A 195 4.88 -11.01 32.42
CA ALA A 195 6.28 -11.19 32.78
C ALA A 195 6.46 -12.46 33.61
N ALA A 196 5.49 -12.72 34.50
CA ALA A 196 5.48 -13.95 35.31
C ALA A 196 5.38 -15.20 34.44
N ASP A 197 4.56 -15.15 33.39
CA ASP A 197 4.41 -16.24 32.43
C ASP A 197 5.72 -16.57 31.70
N LEU A 198 6.50 -15.53 31.42
CA LEU A 198 7.72 -15.63 30.62
C LEU A 198 8.87 -16.31 31.38
N GLU A 199 8.83 -16.23 32.71
CA GLU A 199 9.80 -16.92 33.59
C GLU A 199 9.93 -18.41 33.26
N HIS A 200 8.81 -19.02 32.85
CA HIS A 200 8.71 -20.48 32.73
C HIS A 200 8.99 -21.01 31.32
N VAL A 201 9.30 -20.10 30.39
CA VAL A 201 9.50 -20.45 28.99
C VAL A 201 10.66 -21.42 28.76
N THR A 202 10.40 -22.50 28.03
CA THR A 202 11.42 -23.47 27.65
C THR A 202 11.91 -23.24 26.20
N PRO A 203 13.17 -23.62 25.91
CA PRO A 203 13.71 -23.57 24.54
C PRO A 203 12.84 -24.20 23.46
N GLU A 204 12.08 -25.25 23.79
CA GLU A 204 11.16 -25.88 22.84
C GLU A 204 9.95 -25.01 22.51
N GLN A 205 9.37 -24.36 23.52
CA GLN A 205 8.29 -23.38 23.34
C GLN A 205 8.72 -22.19 22.48
N ALA A 206 10.00 -21.85 22.53
CA ALA A 206 10.55 -20.76 21.74
C ALA A 206 11.24 -21.29 20.48
N GLY A 207 10.76 -22.45 20.02
CA GLY A 207 11.26 -23.08 18.79
C GLY A 207 10.11 -23.45 17.87
N SER A 213 9.94 -21.68 9.95
CA SER A 213 11.25 -22.07 9.42
C SER A 213 12.14 -20.85 9.18
N MET A 214 13.29 -20.81 9.87
CA MET A 214 14.26 -19.71 9.75
C MET A 214 15.62 -19.96 10.43
N GLY A 215 15.62 -20.74 11.51
CA GLY A 215 16.84 -21.02 12.30
C GLY A 215 16.64 -20.78 13.79
N PRO A 216 17.34 -21.57 14.65
CA PRO A 216 17.08 -21.56 16.10
C PRO A 216 17.25 -20.18 16.74
N MET A 217 18.19 -19.41 16.23
CA MET A 217 18.42 -18.04 16.66
C MET A 217 17.28 -17.11 16.23
N ASN A 218 16.94 -17.16 14.94
CA ASN A 218 15.88 -16.32 14.37
C ASN A 218 14.52 -16.56 15.02
N THR A 219 14.21 -17.83 15.31
CA THR A 219 12.95 -18.19 15.97
C THR A 219 12.91 -17.64 17.40
N LEU A 220 14.04 -17.73 18.10
CA LEU A 220 14.14 -17.23 19.46
C LEU A 220 14.00 -15.70 19.49
N ASN A 221 14.72 -15.04 18.58
CA ASN A 221 14.69 -13.59 18.43
C ASN A 221 13.31 -13.04 18.11
N SER A 222 12.54 -13.81 17.34
CA SER A 222 11.13 -13.49 17.09
C SER A 222 10.33 -13.54 18.39
N ALA A 223 10.52 -14.59 19.17
CA ALA A 223 9.85 -14.76 20.48
C ALA A 223 10.20 -13.70 21.54
N SER A 224 11.46 -13.26 21.55
CA SER A 224 11.99 -12.35 22.58
C SER A 224 11.73 -10.89 22.23
N LEU A 225 11.43 -10.66 20.95
CA LEU A 225 11.20 -9.33 20.35
C LEU A 225 12.49 -8.58 20.02
N VAL A 226 13.62 -9.27 20.18
CA VAL A 226 14.90 -8.73 19.82
C VAL A 226 15.02 -8.65 18.29
N ASN A 227 14.41 -9.62 17.59
CA ASN A 227 14.39 -9.54 16.13
C ASN A 227 13.79 -8.21 15.65
N LYS A 228 12.68 -7.82 16.28
CA LYS A 228 12.04 -6.54 15.95
C LYS A 228 12.94 -5.36 16.29
N GLY A 229 13.61 -5.41 17.44
CA GLY A 229 14.62 -4.40 17.78
C GLY A 229 15.71 -4.29 16.72
N LEU A 230 16.27 -5.45 16.32
CA LEU A 230 17.25 -5.48 15.23
C LEU A 230 16.66 -4.88 13.93
N GLU A 231 15.39 -5.17 13.64
CA GLU A 231 14.74 -4.64 12.46
C GLU A 231 14.50 -3.12 12.55
N VAL A 232 14.24 -2.63 13.76
CA VAL A 232 14.15 -1.16 13.96
C VAL A 232 15.47 -0.46 13.62
N ILE A 233 16.59 -1.04 14.07
CA ILE A 233 17.92 -0.50 13.73
C ILE A 233 18.20 -0.60 12.23
N GLU A 234 17.90 -1.76 11.64
CA GLU A 234 18.04 -1.97 10.19
C GLU A 234 17.27 -0.90 9.40
N THR A 235 16.03 -0.63 9.78
CA THR A 235 15.20 0.41 9.16
C THR A 235 15.87 1.79 9.17
N HIS A 236 16.38 2.20 10.32
CA HIS A 236 17.04 3.49 10.47
C HIS A 236 18.26 3.59 9.57
N LEU A 237 19.04 2.52 9.52
CA LEU A 237 20.27 2.47 8.71
C LEU A 237 19.99 2.43 7.21
N LEU A 238 19.00 1.63 6.81
CA LEU A 238 18.63 1.48 5.39
C LEU A 238 17.94 2.71 4.78
N PHE A 239 17.05 3.34 5.55
CA PHE A 239 16.13 4.33 5.00
C PHE A 239 16.38 5.74 5.55
N GLY A 240 17.25 5.84 6.55
CA GLY A 240 17.66 7.12 7.13
C GLY A 240 16.56 7.88 7.82
N ILE A 241 15.61 7.16 8.39
CA ILE A 241 14.49 7.76 9.10
C ILE A 241 14.83 7.74 10.59
N PRO A 242 14.56 8.85 11.31
CA PRO A 242 14.83 8.92 12.75
C PRO A 242 14.09 7.87 13.57
N TYR A 243 14.73 7.41 14.64
CA TYR A 243 14.17 6.38 15.52
C TYR A 243 12.80 6.74 16.09
N ASP A 244 12.58 8.02 16.40
CA ASP A 244 11.29 8.46 16.91
C ASP A 244 10.19 8.52 15.83
N ARG A 245 10.55 8.18 14.59
CA ARG A 245 9.58 8.04 13.47
C ARG A 245 9.52 6.61 12.90
N ILE A 246 10.10 5.65 13.63
CA ILE A 246 9.95 4.24 13.32
C ILE A 246 9.10 3.61 14.42
N ASP A 247 7.92 3.13 14.03
CA ASP A 247 6.97 2.56 14.99
C ASP A 247 6.84 1.06 14.80
N VAL A 248 6.36 0.35 15.82
CA VAL A 248 6.09 -1.08 15.75
C VAL A 248 4.64 -1.35 16.15
N VAL A 249 3.93 -2.15 15.37
CA VAL A 249 2.58 -2.59 15.74
C VAL A 249 2.55 -4.12 15.71
N VAL A 250 1.86 -4.73 16.66
CA VAL A 250 1.71 -6.17 16.66
C VAL A 250 0.57 -6.57 15.70
N HIS A 251 0.91 -7.43 14.75
CA HIS A 251 -0.02 -7.91 13.75
C HIS A 251 0.12 -9.43 13.63
N PRO A 252 -0.70 -10.19 14.40
CA PRO A 252 -0.59 -11.64 14.53
C PRO A 252 -0.54 -12.43 13.21
N GLN A 253 -1.29 -11.99 12.21
CA GLN A 253 -1.40 -12.73 10.94
C GLN A 253 -0.14 -12.62 10.07
N SER A 254 0.64 -11.55 10.25
CA SER A 254 1.84 -11.33 9.40
C SER A 254 1.50 -11.31 7.90
N ILE A 255 0.39 -10.67 7.54
CA ILE A 255 0.01 -10.51 6.15
C ILE A 255 0.42 -9.11 5.70
N ILE A 256 0.06 -8.09 6.48
CA ILE A 256 0.68 -6.76 6.32
C ILE A 256 2.13 -6.82 6.81
N HIS A 257 3.09 -6.55 5.92
CA HIS A 257 4.50 -6.77 6.25
C HIS A 257 5.20 -5.51 6.76
N SER A 258 4.59 -4.35 6.49
CA SER A 258 4.99 -3.05 7.06
C SER A 258 4.23 -1.97 6.30
N MET A 259 4.29 -0.73 6.79
CA MET A 259 3.54 0.38 6.20
C MET A 259 4.31 1.68 6.34
N VAL A 260 3.98 2.64 5.47
CA VAL A 260 4.50 3.99 5.57
C VAL A 260 3.33 4.97 5.67
N THR A 261 3.40 5.85 6.67
CA THR A 261 2.43 6.94 6.82
C THR A 261 3.05 8.22 6.26
N PHE A 262 2.31 8.87 5.37
CA PHE A 262 2.73 10.13 4.75
C PHE A 262 2.10 11.34 5.44
N ILE A 263 2.65 12.53 5.16
CA ILE A 263 2.29 13.79 5.87
C ILE A 263 0.84 14.26 5.68
N ASP A 264 0.13 13.72 4.69
CA ASP A 264 -1.26 14.10 4.44
C ASP A 264 -2.25 13.24 5.21
N GLY A 265 -1.73 12.19 5.83
CA GLY A 265 -2.56 11.25 6.58
C GLY A 265 -2.76 9.91 5.88
N SER A 266 -2.28 9.80 4.65
CA SER A 266 -2.39 8.54 3.91
C SER A 266 -1.36 7.54 4.42
N THR A 267 -1.76 6.27 4.54
CA THR A 267 -0.85 5.18 4.83
C THR A 267 -0.85 4.22 3.63
N ILE A 268 0.34 3.83 3.19
CA ILE A 268 0.51 2.82 2.12
C ILE A 268 1.12 1.60 2.79
N ALA A 269 0.52 0.42 2.56
CA ALA A 269 0.92 -0.82 3.20
C ALA A 269 1.16 -1.91 2.14
N GLN A 270 2.05 -2.85 2.45
CA GLN A 270 2.28 -4.01 1.58
C GLN A 270 1.78 -5.28 2.27
N ALA A 271 1.11 -6.14 1.50
CA ALA A 271 0.45 -7.31 2.06
C ALA A 271 0.65 -8.51 1.14
N SER A 272 0.92 -9.67 1.74
CA SER A 272 0.98 -10.94 1.02
C SER A 272 0.96 -12.08 2.03
N PRO A 273 0.45 -13.27 1.63
CA PRO A 273 0.60 -14.42 2.54
C PRO A 273 2.09 -14.63 2.81
N PRO A 274 2.47 -14.96 4.05
CA PRO A 274 3.89 -15.08 4.35
C PRO A 274 4.58 -16.10 3.41
N ASP A 275 5.63 -15.64 2.73
CA ASP A 275 6.43 -16.44 1.80
C ASP A 275 7.65 -15.60 1.46
N MET A 276 8.83 -16.06 1.91
CA MET A 276 10.07 -15.32 1.72
C MET A 276 10.54 -15.20 0.27
N LYS A 277 9.99 -16.04 -0.62
CA LYS A 277 10.33 -15.95 -2.04
C LYS A 277 9.93 -14.61 -2.64
N LEU A 278 8.89 -13.98 -2.10
CA LEU A 278 8.51 -12.65 -2.58
C LEU A 278 9.63 -11.60 -2.34
N PRO A 279 9.98 -11.31 -1.06
CA PRO A 279 11.08 -10.39 -0.83
C PRO A 279 12.45 -10.83 -1.39
N ILE A 280 12.73 -12.13 -1.41
CA ILE A 280 13.93 -12.63 -2.08
C ILE A 280 13.95 -12.23 -3.56
N SER A 281 12.87 -12.54 -4.29
CA SER A 281 12.80 -12.29 -5.74
C SER A 281 12.93 -10.80 -6.07
N LEU A 282 12.32 -9.96 -5.24
CA LEU A 282 12.39 -8.51 -5.41
C LEU A 282 13.80 -7.97 -5.13
N ALA A 283 14.47 -8.54 -4.12
CA ALA A 283 15.83 -8.14 -3.77
C ALA A 283 16.82 -8.47 -4.88
N LEU A 284 16.65 -9.65 -5.49
CA LEU A 284 17.54 -10.12 -6.54
C LEU A 284 17.42 -9.30 -7.82
N GLY A 285 16.19 -8.95 -8.19
CA GLY A 285 15.92 -8.23 -9.43
C GLY A 285 15.51 -6.78 -9.33
N TRP A 286 15.72 -6.15 -8.17
CA TRP A 286 15.34 -4.77 -7.91
C TRP A 286 15.84 -3.83 -9.01
N PRO A 287 14.99 -2.89 -9.49
CA PRO A 287 13.62 -2.55 -9.08
C PRO A 287 12.50 -3.42 -9.68
N ARG A 288 12.85 -4.36 -10.56
CA ARG A 288 11.85 -5.10 -11.37
C ARG A 288 11.24 -6.27 -10.63
N ARG A 289 9.91 -6.38 -10.69
CA ARG A 289 9.20 -7.46 -10.01
C ARG A 289 9.30 -8.75 -10.81
N VAL A 290 9.30 -9.89 -10.12
CA VAL A 290 9.45 -11.21 -10.75
C VAL A 290 8.10 -11.94 -10.81
N SER A 291 7.56 -12.08 -12.01
CA SER A 291 6.24 -12.72 -12.23
C SER A 291 6.15 -14.08 -11.54
N GLY A 292 5.05 -14.26 -10.79
CA GLY A 292 4.76 -15.53 -10.13
C GLY A 292 5.65 -15.95 -8.98
N ALA A 293 6.41 -15.01 -8.40
CA ALA A 293 7.33 -15.34 -7.31
C ALA A 293 6.61 -16.01 -6.14
N ALA A 294 5.44 -15.48 -5.80
CA ALA A 294 4.69 -15.94 -4.64
C ALA A 294 3.19 -15.76 -4.85
N ALA A 295 2.40 -16.46 -4.04
CA ALA A 295 0.95 -16.33 -4.10
C ALA A 295 0.50 -14.99 -3.54
N ALA A 296 -0.51 -14.40 -4.17
CA ALA A 296 -1.14 -13.16 -3.70
C ALA A 296 -2.21 -13.41 -2.66
N CYS A 297 -2.53 -12.38 -1.87
CA CYS A 297 -3.71 -12.41 -1.02
C CYS A 297 -4.94 -12.73 -1.87
N ASP A 298 -5.75 -13.66 -1.38
CA ASP A 298 -6.96 -14.08 -2.07
C ASP A 298 -8.16 -13.41 -1.43
N PHE A 299 -8.74 -12.43 -2.12
CA PHE A 299 -9.88 -11.71 -1.56
C PHE A 299 -11.24 -12.29 -1.93
N HIS A 300 -11.22 -13.53 -2.45
CA HIS A 300 -12.44 -14.28 -2.70
C HIS A 300 -12.85 -15.10 -1.49
N THR A 301 -12.01 -15.09 -0.45
CA THR A 301 -12.41 -15.70 0.81
C THR A 301 -12.13 -14.75 1.98
N ALA A 302 -12.93 -14.88 3.02
CA ALA A 302 -12.88 -13.95 4.15
C ALA A 302 -11.55 -14.03 4.91
N SER A 303 -11.15 -12.90 5.47
CA SER A 303 -9.97 -12.80 6.33
C SER A 303 -10.10 -11.58 7.23
N SER A 304 -9.29 -11.53 8.29
CA SER A 304 -9.16 -10.32 9.08
C SER A 304 -7.70 -10.06 9.42
N TRP A 305 -7.32 -8.79 9.29
CA TRP A 305 -5.98 -8.33 9.61
C TRP A 305 -6.09 -7.57 10.94
N GLU A 306 -5.52 -8.15 11.99
CA GLU A 306 -5.64 -7.60 13.32
C GLU A 306 -4.39 -6.81 13.72
N PHE A 307 -4.62 -5.72 14.44
CA PHE A 307 -3.54 -4.87 14.93
C PHE A 307 -3.72 -4.62 16.42
N GLU A 308 -2.61 -4.69 17.17
CA GLU A 308 -2.62 -4.34 18.59
C GLU A 308 -1.29 -3.67 18.98
N PRO A 309 -1.31 -2.80 20.00
CA PRO A 309 -0.04 -2.24 20.45
C PRO A 309 0.86 -3.28 21.10
N LEU A 310 2.17 -3.09 20.94
CA LEU A 310 3.17 -3.91 21.60
C LEU A 310 3.16 -3.62 23.10
N ASP A 311 3.31 -4.68 23.91
CA ASP A 311 3.38 -4.53 25.35
C ASP A 311 4.82 -4.20 25.74
N THR A 312 5.15 -2.92 25.76
CA THR A 312 6.53 -2.45 25.97
C THR A 312 7.06 -2.73 27.40
N ASP A 313 6.16 -3.04 28.32
CA ASP A 313 6.53 -3.43 29.68
C ASP A 313 7.14 -4.81 29.70
N VAL A 314 6.43 -5.77 29.12
CA VAL A 314 6.83 -7.16 29.10
C VAL A 314 7.90 -7.40 28.05
N PHE A 315 7.90 -6.61 26.97
CA PHE A 315 8.83 -6.78 25.85
C PHE A 315 9.60 -5.48 25.51
N PRO A 316 10.59 -5.11 26.34
CA PRO A 316 11.27 -3.84 26.10
C PRO A 316 12.45 -3.90 25.11
N ALA A 317 12.60 -5.01 24.40
CA ALA A 317 13.71 -5.19 23.47
C ALA A 317 13.75 -4.13 22.36
N VAL A 318 12.58 -3.71 21.90
CA VAL A 318 12.48 -2.69 20.85
C VAL A 318 12.93 -1.30 21.33
N GLU A 319 12.51 -0.92 22.55
CA GLU A 319 12.95 0.33 23.12
C GLU A 319 14.45 0.35 23.39
N LEU A 320 15.00 -0.79 23.83
CA LEU A 320 16.44 -0.93 24.03
C LEU A 320 17.20 -0.80 22.71
N ALA A 321 16.61 -1.34 21.65
CA ALA A 321 17.18 -1.16 20.32
C ALA A 321 17.26 0.32 19.92
N ARG A 322 16.19 1.06 20.20
CA ARG A 322 16.15 2.50 19.91
C ARG A 322 17.20 3.24 20.73
N GLN A 323 17.34 2.89 22.01
CA GLN A 323 18.37 3.47 22.89
C GLN A 323 19.78 3.21 22.36
N ALA A 324 20.05 1.98 21.92
CA ALA A 324 21.35 1.62 21.33
C ALA A 324 21.57 2.35 20.02
N GLY A 325 20.52 2.42 19.19
CA GLY A 325 20.62 3.08 17.90
C GLY A 325 20.89 4.57 18.01
N VAL A 326 20.17 5.22 18.91
CA VAL A 326 20.36 6.64 19.18
C VAL A 326 21.79 6.91 19.66
N ALA A 327 22.29 6.08 20.57
CA ALA A 327 23.69 6.16 21.02
C ALA A 327 24.67 6.06 19.85
N GLY A 328 24.39 5.13 18.93
CA GLY A 328 25.13 5.03 17.67
C GLY A 328 26.52 4.45 17.81
N GLY A 329 27.38 4.71 16.83
CA GLY A 329 28.74 4.20 16.84
C GLY A 329 28.75 2.70 16.80
N CYS A 330 29.37 2.09 17.81
CA CYS A 330 29.42 0.62 17.93
C CYS A 330 28.37 0.07 18.91
N MET A 331 27.44 0.91 19.34
CA MET A 331 26.44 0.49 20.33
C MET A 331 25.43 -0.54 19.81
N THR A 332 25.15 -0.49 18.51
CA THR A 332 24.24 -1.46 17.90
C THR A 332 24.94 -2.82 17.76
N ALA A 333 26.25 -2.79 17.51
CA ALA A 333 27.06 -4.01 17.56
C ALA A 333 27.03 -4.66 18.96
N VAL A 334 27.09 -3.83 20.00
CA VAL A 334 26.97 -4.29 21.39
C VAL A 334 25.60 -4.96 21.64
N TYR A 335 24.54 -4.29 21.21
CA TYR A 335 23.17 -4.80 21.38
C TYR A 335 23.06 -6.21 20.79
N ASN A 336 23.51 -6.37 19.54
CA ASN A 336 23.42 -7.66 18.85
C ASN A 336 24.31 -8.71 19.50
N ALA A 337 25.56 -8.36 19.80
CA ALA A 337 26.49 -9.30 20.40
C ALA A 337 26.04 -9.76 21.78
N ALA A 338 25.53 -8.83 22.59
CA ALA A 338 25.01 -9.20 23.91
C ALA A 338 23.86 -10.20 23.74
N ASN A 339 22.98 -9.95 22.75
CA ASN A 339 21.88 -10.87 22.48
C ASN A 339 22.35 -12.26 22.12
N GLU A 340 23.34 -12.34 21.22
CA GLU A 340 23.85 -13.62 20.74
C GLU A 340 24.34 -14.52 21.89
N GLU A 341 24.98 -13.90 22.88
CA GLU A 341 25.55 -14.63 24.01
C GLU A 341 24.49 -15.07 25.02
N ALA A 342 23.57 -14.16 25.35
CA ALA A 342 22.47 -14.48 26.26
C ALA A 342 21.54 -15.52 25.65
N ALA A 343 21.25 -15.36 24.36
CA ALA A 343 20.40 -16.30 23.62
C ALA A 343 20.99 -17.71 23.65
N ALA A 344 22.28 -17.81 23.37
CA ALA A 344 22.99 -19.10 23.40
C ALA A 344 22.92 -19.76 24.78
N ALA A 345 22.99 -18.94 25.83
CA ALA A 345 22.88 -19.45 27.21
C ALA A 345 21.47 -19.97 27.52
N PHE A 346 20.46 -19.28 26.97
CA PHE A 346 19.07 -19.74 27.14
C PHE A 346 18.84 -21.08 26.45
N LEU A 347 19.30 -21.18 25.19
CA LEU A 347 19.18 -22.40 24.41
C LEU A 347 19.95 -23.58 25.02
N ALA A 348 20.98 -23.25 25.80
CA ALA A 348 21.79 -24.26 26.49
C ALA A 348 21.17 -24.67 27.83
N GLY A 349 20.18 -23.89 28.29
CA GLY A 349 19.44 -24.18 29.53
C GLY A 349 20.07 -23.59 30.77
N ARG A 350 20.92 -22.58 30.57
CA ARG A 350 21.72 -21.95 31.61
C ARG A 350 21.02 -20.76 32.26
N ILE A 351 20.19 -20.07 31.48
CA ILE A 351 19.41 -18.94 31.98
C ILE A 351 17.94 -19.06 31.56
N GLY A 352 17.07 -18.33 32.25
CA GLY A 352 15.65 -18.26 31.86
C GLY A 352 15.40 -17.32 30.69
N PHE A 353 14.20 -17.38 30.12
CA PHE A 353 13.80 -16.54 28.98
C PHE A 353 13.87 -15.02 29.24
N PRO A 354 13.31 -14.53 30.37
CA PRO A 354 13.32 -13.08 30.56
C PRO A 354 14.73 -12.51 30.77
N ALA A 355 15.70 -13.40 30.99
CA ALA A 355 17.07 -13.00 31.27
C ALA A 355 17.81 -12.55 30.01
N ILE A 356 17.35 -13.02 28.85
CA ILE A 356 17.96 -12.64 27.57
C ILE A 356 17.98 -11.12 27.42
N VAL A 357 16.81 -10.50 27.54
CA VAL A 357 16.68 -9.06 27.33
C VAL A 357 17.19 -8.30 28.58
N GLY A 358 17.14 -8.95 29.73
CA GLY A 358 17.73 -8.43 30.96
C GLY A 358 19.22 -8.23 30.78
N ILE A 359 19.90 -9.24 30.24
CA ILE A 359 21.34 -9.18 29.99
C ILE A 359 21.71 -8.12 28.93
N ILE A 360 20.94 -8.05 27.84
CA ILE A 360 21.19 -6.99 26.83
C ILE A 360 21.20 -5.60 27.50
N ALA A 361 20.19 -5.34 28.32
CA ALA A 361 20.05 -4.07 29.07
C ALA A 361 21.24 -3.78 29.98
N ASP A 362 21.63 -4.78 30.79
CA ASP A 362 22.76 -4.63 31.70
C ASP A 362 24.04 -4.33 30.94
N VAL A 363 24.29 -5.08 29.86
CA VAL A 363 25.46 -4.86 28.99
C VAL A 363 25.49 -3.46 28.36
N LEU A 364 24.36 -3.03 27.80
CA LEU A 364 24.25 -1.68 27.21
C LEU A 364 24.51 -0.57 28.22
N HIS A 365 24.01 -0.78 29.45
CA HIS A 365 24.23 0.15 30.55
C HIS A 365 25.73 0.38 30.83
N ALA A 366 26.53 -0.67 30.62
CA ALA A 366 27.97 -0.63 30.89
C ALA A 366 28.82 -0.24 29.67
N ALA A 367 28.17 0.05 28.55
CA ALA A 367 28.85 0.13 27.25
C ALA A 367 29.24 1.55 26.84
N ASP A 368 29.43 2.41 27.85
CA ASP A 368 29.87 3.81 27.70
C ASP A 368 30.78 4.07 26.51
N GLN A 369 31.88 3.35 26.45
CA GLN A 369 32.96 3.64 25.50
C GLN A 369 32.65 3.29 24.04
N TRP A 370 31.53 2.63 23.79
CA TRP A 370 31.25 2.12 22.44
C TRP A 370 30.34 3.01 21.58
N ALA A 371 30.19 4.27 22.00
CA ALA A 371 29.44 5.28 21.25
C ALA A 371 30.27 5.87 20.11
N VAL A 372 31.57 5.56 20.09
CA VAL A 372 32.50 6.02 19.04
C VAL A 372 32.24 5.31 17.71
N GLU A 373 32.27 6.07 16.61
CA GLU A 373 32.03 5.52 15.27
C GLU A 373 33.17 4.62 14.79
N PRO A 374 32.84 3.43 14.26
CA PRO A 374 33.88 2.52 13.80
C PRO A 374 34.60 3.09 12.57
N ALA A 375 35.92 3.16 12.66
CA ALA A 375 36.75 3.58 11.53
C ALA A 375 37.04 2.39 10.63
N THR A 376 37.23 1.22 11.24
CA THR A 376 37.55 -0.01 10.53
C THR A 376 36.77 -1.19 11.11
N VAL A 377 36.81 -2.32 10.41
CA VAL A 377 36.14 -3.55 10.89
C VAL A 377 36.65 -3.98 12.27
N ASP A 378 37.92 -3.67 12.57
CA ASP A 378 38.55 -4.03 13.85
C ASP A 378 37.86 -3.37 15.04
N ASP A 379 37.45 -2.12 14.87
CA ASP A 379 36.67 -1.41 15.87
C ASP A 379 35.34 -2.11 16.20
N VAL A 380 34.65 -2.62 15.17
CA VAL A 380 33.39 -3.35 15.36
C VAL A 380 33.64 -4.65 16.13
N LEU A 381 34.69 -5.36 15.72
CA LEU A 381 35.06 -6.62 16.36
C LEU A 381 35.45 -6.42 17.83
N ASP A 382 36.18 -5.35 18.11
CA ASP A 382 36.53 -4.98 19.50
C ASP A 382 35.27 -4.76 20.34
N ALA A 383 34.29 -4.03 19.78
CA ALA A 383 33.04 -3.77 20.49
C ALA A 383 32.31 -5.07 20.82
N GLN A 384 32.23 -5.96 19.82
CA GLN A 384 31.56 -7.25 19.98
C GLN A 384 32.29 -8.16 20.96
N ARG A 385 33.62 -8.18 20.89
CA ARG A 385 34.42 -8.98 21.80
C ARG A 385 34.13 -8.57 23.24
N TRP A 386 34.11 -7.26 23.48
CA TRP A 386 33.81 -6.72 24.82
C TRP A 386 32.39 -7.08 25.26
N ALA A 387 31.44 -6.92 24.35
CA ALA A 387 30.01 -7.21 24.64
C ALA A 387 29.77 -8.66 25.01
N ARG A 388 30.45 -9.56 24.31
CA ARG A 388 30.34 -10.99 24.58
C ARG A 388 30.87 -11.33 25.98
N GLU A 389 31.99 -10.71 26.34
CA GLU A 389 32.64 -10.92 27.62
C GLU A 389 31.73 -10.39 28.74
N ARG A 390 31.23 -9.16 28.56
CA ARG A 390 30.32 -8.55 29.52
C ARG A 390 29.00 -9.35 29.68
N ALA A 391 28.49 -9.86 28.57
CA ALA A 391 27.33 -10.77 28.59
C ALA A 391 27.61 -12.03 29.39
N GLN A 392 28.78 -12.62 29.21
CA GLN A 392 29.15 -13.84 29.96
C GLN A 392 29.28 -13.55 31.45
N ARG A 393 29.88 -12.40 31.78
CA ARG A 393 29.95 -11.90 33.14
C ARG A 393 28.55 -11.82 33.77
N ALA A 394 27.57 -11.34 32.98
CA ALA A 394 26.18 -11.23 33.44
C ALA A 394 25.53 -12.61 33.63
N VAL A 395 25.82 -13.55 32.72
CA VAL A 395 25.34 -14.92 32.86
C VAL A 395 25.90 -15.59 34.13
N SER A 396 27.20 -15.40 34.35
CA SER A 396 27.89 -15.94 35.54
C SER A 396 27.25 -15.45 36.84
N GLY A 397 26.69 -14.24 36.81
CA GLY A 397 26.03 -13.66 37.98
C GLY A 397 24.63 -14.17 38.25
N MET A 398 24.24 -15.22 37.54
CA MET A 398 22.91 -15.82 37.64
C MET A 398 22.98 -17.29 38.00
N GLY B 20 4.93 25.91 -6.19
CA GLY B 20 4.23 27.22 -6.31
C GLY B 20 2.73 27.08 -6.08
N ARG B 21 1.99 28.14 -6.41
CA ARG B 21 0.54 28.19 -6.15
C ARG B 21 -0.27 27.75 -7.38
N LEU B 22 -1.22 26.84 -7.17
CA LEU B 22 -2.12 26.42 -8.24
C LEU B 22 -3.39 27.26 -8.24
N ARG B 23 -3.76 27.75 -9.42
CA ARG B 23 -5.03 28.47 -9.60
C ARG B 23 -6.13 27.45 -9.84
N VAL B 24 -7.14 27.47 -8.97
CA VAL B 24 -8.20 26.45 -8.97
C VAL B 24 -9.58 27.04 -9.28
N VAL B 25 -10.27 26.40 -10.22
CA VAL B 25 -11.68 26.66 -10.49
C VAL B 25 -12.48 25.56 -9.81
N VAL B 26 -13.41 25.96 -8.95
CA VAL B 26 -14.30 25.02 -8.27
C VAL B 26 -15.71 25.02 -8.87
N LEU B 27 -16.04 23.96 -9.61
CA LEU B 27 -17.38 23.82 -10.20
C LEU B 27 -18.21 22.97 -9.26
N GLY B 28 -19.39 23.44 -8.91
CA GLY B 28 -20.24 22.76 -7.91
C GLY B 28 -19.76 23.16 -6.53
N SER B 29 -19.67 24.46 -6.31
CA SER B 29 -18.98 24.98 -5.13
C SER B 29 -19.80 24.89 -3.85
N THR B 30 -21.09 24.58 -4.00
CA THR B 30 -21.99 24.56 -2.84
C THR B 30 -22.35 23.16 -2.33
N GLY B 31 -21.89 22.11 -3.03
CA GLY B 31 -22.10 20.73 -2.59
C GLY B 31 -21.04 20.27 -1.58
N SER B 32 -21.15 19.02 -1.13
CA SER B 32 -20.22 18.41 -0.18
C SER B 32 -18.75 18.49 -0.62
N ILE B 33 -18.44 17.98 -1.83
CA ILE B 33 -17.06 17.98 -2.34
C ILE B 33 -16.51 19.40 -2.51
N GLY B 34 -17.28 20.26 -3.18
CA GLY B 34 -16.84 21.64 -3.43
C GLY B 34 -16.54 22.41 -2.14
N THR B 35 -17.41 22.29 -1.15
CA THR B 35 -17.20 23.01 0.13
C THR B 35 -16.03 22.46 0.93
N GLN B 36 -15.84 21.14 0.89
CA GLN B 36 -14.67 20.53 1.51
C GLN B 36 -13.38 20.97 0.79
N ALA B 37 -13.43 21.06 -0.54
CA ALA B 37 -12.26 21.52 -1.32
C ALA B 37 -11.90 22.97 -0.99
N LEU B 38 -12.92 23.82 -0.85
CA LEU B 38 -12.70 25.21 -0.42
C LEU B 38 -12.06 25.31 0.96
N GLN B 39 -12.42 24.40 1.89
CA GLN B 39 -11.75 24.27 3.19
C GLN B 39 -10.27 23.89 3.08
N VAL B 40 -9.97 22.88 2.27
CA VAL B 40 -8.58 22.52 2.00
C VAL B 40 -7.80 23.73 1.45
N ILE B 41 -8.39 24.44 0.48
CA ILE B 41 -7.78 25.63 -0.11
C ILE B 41 -7.58 26.78 0.90
N ALA B 42 -8.58 27.03 1.74
CA ALA B 42 -8.45 28.03 2.82
C ALA B 42 -7.36 27.67 3.84
N ASP B 43 -7.18 26.38 4.08
CA ASP B 43 -6.15 25.88 4.98
C ASP B 43 -4.76 25.94 4.36
N ASN B 44 -4.69 26.03 3.02
CA ASN B 44 -3.42 25.93 2.30
C ASN B 44 -3.22 27.05 1.26
N PRO B 45 -3.21 28.33 1.71
CA PRO B 45 -3.07 29.46 0.79
C PRO B 45 -1.71 29.50 0.08
N ASP B 46 -0.68 28.89 0.66
CA ASP B 46 0.61 28.82 -0.02
C ASP B 46 0.56 27.88 -1.25
N ARG B 47 -0.38 26.94 -1.23
CA ARG B 47 -0.48 25.94 -2.30
C ARG B 47 -1.56 26.22 -3.36
N PHE B 48 -2.65 26.89 -2.96
CA PHE B 48 -3.84 27.02 -3.82
C PHE B 48 -4.45 28.41 -3.77
N GLU B 49 -4.96 28.87 -4.92
CA GLU B 49 -5.86 30.03 -4.94
C GLU B 49 -7.10 29.78 -5.80
N VAL B 50 -8.26 30.14 -5.24
CA VAL B 50 -9.54 30.07 -5.97
C VAL B 50 -9.60 31.19 -7.00
N VAL B 51 -9.92 30.85 -8.25
CA VAL B 51 -10.04 31.86 -9.31
C VAL B 51 -11.38 31.76 -10.03
N GLY B 52 -12.22 30.85 -9.57
CA GLY B 52 -13.55 30.67 -10.14
C GLY B 52 -14.41 29.77 -9.29
N LEU B 53 -15.71 30.07 -9.29
CA LEU B 53 -16.72 29.27 -8.59
C LEU B 53 -17.95 29.14 -9.48
N ALA B 54 -18.52 27.95 -9.56
CA ALA B 54 -19.75 27.75 -10.30
C ALA B 54 -20.72 26.92 -9.46
N ALA B 55 -22.00 27.32 -9.47
CA ALA B 55 -23.04 26.58 -8.76
C ALA B 55 -24.35 26.54 -9.53
N GLY B 56 -25.32 25.81 -9.00
CA GLY B 56 -26.63 25.63 -9.64
C GLY B 56 -27.61 26.78 -9.49
N GLY B 57 -27.64 27.40 -8.31
CA GLY B 57 -28.64 28.44 -8.03
C GLY B 57 -29.63 28.05 -6.94
N ALA B 58 -29.78 26.74 -6.73
CA ALA B 58 -30.57 26.23 -5.62
C ALA B 58 -29.96 26.66 -4.29
N HIS B 59 -28.64 26.81 -4.25
CA HIS B 59 -27.99 27.35 -3.08
C HIS B 59 -27.26 28.64 -3.44
N LEU B 60 -28.01 29.54 -4.06
CA LEU B 60 -27.47 30.82 -4.51
C LEU B 60 -26.92 31.62 -3.34
N ASP B 61 -27.62 31.59 -2.22
CA ASP B 61 -27.21 32.34 -1.02
C ASP B 61 -25.82 31.92 -0.55
N THR B 62 -25.53 30.62 -0.55
CA THR B 62 -24.21 30.09 -0.25
C THR B 62 -23.14 30.63 -1.21
N LEU B 63 -23.43 30.59 -2.52
CA LEU B 63 -22.50 31.09 -3.52
C LEU B 63 -22.17 32.57 -3.31
N LEU B 64 -23.21 33.34 -2.99
CA LEU B 64 -23.04 34.75 -2.76
C LEU B 64 -22.19 35.02 -1.51
N ARG B 65 -22.40 34.22 -0.46
CA ARG B 65 -21.54 34.26 0.73
C ARG B 65 -20.10 33.87 0.43
N GLN B 66 -19.92 32.84 -0.42
CA GLN B 66 -18.60 32.44 -0.91
C GLN B 66 -17.90 33.57 -1.68
N ARG B 67 -18.62 34.28 -2.55
CA ARG B 67 -18.07 35.46 -3.21
C ARG B 67 -17.60 36.50 -2.20
N ALA B 68 -18.44 36.79 -1.21
CA ALA B 68 -18.11 37.72 -0.13
C ALA B 68 -16.89 37.26 0.70
N GLN B 69 -16.83 35.97 1.02
CA GLN B 69 -15.76 35.39 1.83
C GLN B 69 -14.42 35.30 1.11
N THR B 70 -14.42 34.77 -0.11
CA THR B 70 -13.19 34.58 -0.89
C THR B 70 -12.76 35.83 -1.63
N GLY B 71 -13.72 36.71 -1.91
CA GLY B 71 -13.45 37.88 -2.75
C GLY B 71 -13.44 37.55 -4.23
N VAL B 72 -13.74 36.29 -4.55
CA VAL B 72 -13.81 35.86 -5.95
C VAL B 72 -15.12 36.30 -6.62
N THR B 73 -14.99 37.15 -7.64
CA THR B 73 -16.15 37.69 -8.36
C THR B 73 -16.42 36.91 -9.65
N ASN B 74 -15.45 36.10 -10.05
CA ASN B 74 -15.56 35.28 -11.24
C ASN B 74 -16.42 34.06 -10.95
N ILE B 75 -17.73 34.27 -10.96
CA ILE B 75 -18.68 33.21 -10.58
C ILE B 75 -19.70 32.92 -11.67
N ALA B 76 -20.22 31.69 -11.64
CA ALA B 76 -21.21 31.22 -12.59
C ALA B 76 -22.42 30.65 -11.84
N VAL B 77 -23.61 30.95 -12.37
CA VAL B 77 -24.87 30.41 -11.86
C VAL B 77 -25.66 29.83 -13.04
N ALA B 78 -25.99 28.54 -12.97
CA ALA B 78 -26.65 27.85 -14.09
C ALA B 78 -28.10 28.28 -14.30
N ASP B 79 -28.82 28.51 -13.20
CA ASP B 79 -30.25 28.80 -13.23
C ASP B 79 -30.47 30.31 -13.49
N GLU B 80 -30.95 30.64 -14.70
CA GLU B 80 -31.28 32.03 -15.07
C GLU B 80 -32.19 32.72 -14.07
N HIS B 81 -33.23 32.00 -13.63
CA HIS B 81 -34.19 32.51 -12.63
C HIS B 81 -33.50 32.94 -11.35
N ALA B 82 -32.62 32.08 -10.82
CA ALA B 82 -31.82 32.39 -9.63
C ALA B 82 -30.92 33.60 -9.85
N ALA B 83 -30.24 33.64 -11.01
CA ALA B 83 -29.29 34.69 -11.32
C ALA B 83 -29.93 36.10 -11.37
N GLN B 84 -31.22 36.15 -11.67
CA GLN B 84 -31.92 37.45 -11.76
C GLN B 84 -32.24 38.05 -10.39
N ARG B 85 -31.91 37.33 -9.33
CA ARG B 85 -31.97 37.85 -7.98
C ARG B 85 -30.77 38.73 -7.66
N VAL B 86 -29.76 38.72 -8.54
CA VAL B 86 -28.45 39.31 -8.21
C VAL B 86 -27.98 40.50 -9.08
N GLY B 87 -27.95 40.33 -10.40
CA GLY B 87 -27.60 41.45 -11.28
C GLY B 87 -26.12 41.76 -11.54
N ASP B 88 -25.22 41.04 -10.89
CA ASP B 88 -23.77 41.25 -11.11
C ASP B 88 -22.99 39.93 -11.24
N ILE B 89 -23.67 38.88 -11.66
CA ILE B 89 -23.02 37.59 -11.94
C ILE B 89 -22.54 37.57 -13.39
N PRO B 90 -21.21 37.41 -13.61
CA PRO B 90 -20.65 37.45 -14.97
C PRO B 90 -21.07 36.32 -15.91
N TYR B 91 -21.35 35.13 -15.36
CA TYR B 91 -21.78 33.96 -16.13
C TYR B 91 -23.09 33.41 -15.59
N HIS B 92 -24.13 33.41 -16.41
CA HIS B 92 -25.44 32.91 -15.98
C HIS B 92 -26.19 32.25 -17.12
N GLY B 93 -27.02 31.25 -16.81
CA GLY B 93 -27.70 30.52 -17.87
C GLY B 93 -27.13 29.13 -18.06
N SER B 94 -27.68 28.37 -19.00
CA SER B 94 -27.48 26.91 -19.02
C SER B 94 -26.02 26.43 -19.11
N ASP B 95 -25.24 27.04 -19.99
CA ASP B 95 -23.82 26.67 -20.11
C ASP B 95 -22.90 27.67 -19.39
N ALA B 96 -23.39 28.25 -18.30
CA ALA B 96 -22.60 29.22 -17.53
C ALA B 96 -21.25 28.63 -17.06
N ALA B 97 -21.27 27.42 -16.52
CA ALA B 97 -20.05 26.77 -16.00
C ALA B 97 -19.02 26.55 -17.10
N THR B 98 -19.49 26.08 -18.26
CA THR B 98 -18.64 25.88 -19.43
C THR B 98 -17.96 27.17 -19.85
N ARG B 99 -18.73 28.24 -20.01
CA ARG B 99 -18.17 29.55 -20.38
C ARG B 99 -17.15 30.07 -19.37
N LEU B 100 -17.41 29.82 -18.08
CA LEU B 100 -16.45 30.20 -17.05
C LEU B 100 -15.15 29.45 -17.25
N VAL B 101 -15.26 28.14 -17.44
CA VAL B 101 -14.09 27.30 -17.69
C VAL B 101 -13.33 27.76 -18.93
N GLU B 102 -14.04 28.06 -20.01
CA GLU B 102 -13.41 28.46 -21.27
C GLU B 102 -12.64 29.79 -21.16
N GLN B 103 -13.08 30.65 -20.25
CA GLN B 103 -12.55 32.02 -20.19
C GLN B 103 -11.67 32.33 -18.97
N THR B 104 -11.51 31.37 -18.07
CA THR B 104 -10.74 31.59 -16.85
C THR B 104 -9.37 30.90 -16.92
N GLU B 105 -8.31 31.66 -16.69
CA GLU B 105 -6.96 31.11 -16.61
C GLU B 105 -6.83 30.31 -15.31
N ALA B 106 -6.54 29.02 -15.44
CA ALA B 106 -6.44 28.15 -14.27
C ALA B 106 -5.48 26.99 -14.51
N ASP B 107 -4.93 26.47 -13.42
CA ASP B 107 -4.07 25.29 -13.45
C ASP B 107 -4.87 24.01 -13.20
N VAL B 108 -5.88 24.09 -12.32
CA VAL B 108 -6.70 22.93 -11.98
C VAL B 108 -8.18 23.29 -12.04
N VAL B 109 -8.97 22.42 -12.66
CA VAL B 109 -10.42 22.54 -12.60
C VAL B 109 -10.97 21.42 -11.73
N LEU B 110 -11.58 21.75 -10.59
CA LEU B 110 -12.32 20.76 -9.81
C LEU B 110 -13.74 20.67 -10.33
N ASN B 111 -14.07 19.55 -10.98
CA ASN B 111 -15.45 19.33 -11.42
C ASN B 111 -16.21 18.48 -10.41
N ALA B 112 -16.94 19.16 -9.53
CA ALA B 112 -17.79 18.51 -8.54
C ALA B 112 -19.28 18.79 -8.82
N LEU B 113 -19.61 18.97 -10.10
CA LEU B 113 -21.01 19.18 -10.51
C LEU B 113 -21.75 17.86 -10.44
N VAL B 114 -23.08 17.92 -10.35
CA VAL B 114 -23.94 16.74 -10.23
C VAL B 114 -24.52 16.33 -11.57
N GLY B 115 -24.41 15.05 -11.90
CA GLY B 115 -25.06 14.49 -13.08
C GLY B 115 -24.68 15.11 -14.40
N ALA B 116 -25.69 15.30 -15.25
CA ALA B 116 -25.53 15.69 -16.66
C ALA B 116 -24.84 17.02 -16.89
N LEU B 117 -24.96 17.95 -15.94
CA LEU B 117 -24.33 19.26 -16.14
C LEU B 117 -22.81 19.25 -15.92
N GLY B 118 -22.27 18.11 -15.51
CA GLY B 118 -20.82 17.95 -15.38
C GLY B 118 -20.11 17.68 -16.71
N LEU B 119 -20.83 17.11 -17.67
CA LEU B 119 -20.19 16.60 -18.88
C LEU B 119 -19.55 17.65 -19.79
N ARG B 120 -20.32 18.69 -20.15
CA ARG B 120 -19.76 19.75 -21.02
C ARG B 120 -18.62 20.54 -20.37
N PRO B 121 -18.75 20.94 -19.07
CA PRO B 121 -17.61 21.54 -18.37
C PRO B 121 -16.36 20.62 -18.31
N THR B 122 -16.53 19.32 -18.09
CA THR B 122 -15.40 18.39 -18.22
C THR B 122 -14.70 18.54 -19.58
N LEU B 123 -15.49 18.48 -20.66
CA LEU B 123 -14.91 18.56 -22.00
C LEU B 123 -14.21 19.90 -22.24
N ALA B 124 -14.81 20.98 -21.77
CA ALA B 124 -14.20 22.32 -21.86
C ALA B 124 -12.93 22.43 -21.01
N ALA B 125 -12.93 21.84 -19.81
CA ALA B 125 -11.73 21.83 -18.95
C ALA B 125 -10.55 21.13 -19.60
N LEU B 126 -10.83 20.00 -20.23
CA LEU B 126 -9.78 19.22 -20.89
C LEU B 126 -9.16 20.01 -22.03
N LYS B 127 -10.01 20.73 -22.77
CA LYS B 127 -9.55 21.54 -23.90
C LYS B 127 -8.62 22.70 -23.52
N THR B 128 -8.80 23.27 -22.32
CA THR B 128 -7.94 24.37 -21.84
C THR B 128 -6.53 23.89 -21.52
N GLY B 129 -6.39 22.59 -21.27
CA GLY B 129 -5.10 22.02 -20.90
C GLY B 129 -4.84 22.02 -19.40
N ALA B 130 -5.86 22.38 -18.63
CA ALA B 130 -5.80 22.32 -17.17
C ALA B 130 -5.84 20.88 -16.69
N ARG B 131 -5.30 20.64 -15.49
CA ARG B 131 -5.54 19.39 -14.81
C ARG B 131 -7.01 19.41 -14.38
N LEU B 132 -7.69 18.28 -14.59
CA LEU B 132 -9.07 18.11 -14.18
C LEU B 132 -9.14 17.16 -12.99
N ALA B 133 -9.44 17.74 -11.83
CA ALA B 133 -9.72 16.99 -10.61
C ALA B 133 -11.20 16.60 -10.67
N LEU B 134 -11.46 15.33 -10.95
CA LEU B 134 -12.79 14.92 -11.39
C LEU B 134 -13.56 14.18 -10.31
N ALA B 135 -14.63 14.81 -9.84
CA ALA B 135 -15.57 14.21 -8.90
C ALA B 135 -16.84 13.74 -9.60
N ASN B 136 -17.35 14.56 -10.52
CA ASN B 136 -18.52 14.25 -11.36
C ASN B 136 -18.45 12.86 -12.04
N LYS B 137 -19.33 11.95 -11.61
CA LYS B 137 -19.30 10.56 -12.09
C LYS B 137 -19.77 10.42 -13.53
N GLU B 138 -20.71 11.27 -13.91
CA GLU B 138 -21.36 11.19 -15.23
C GLU B 138 -20.36 11.39 -16.35
N SER B 139 -19.35 12.22 -16.11
CA SER B 139 -18.34 12.52 -17.12
C SER B 139 -17.71 11.24 -17.68
N LEU B 140 -17.40 10.29 -16.82
CA LEU B 140 -16.77 9.04 -17.26
C LEU B 140 -17.79 7.92 -17.51
N VAL B 141 -18.75 7.74 -16.61
CA VAL B 141 -19.76 6.69 -16.77
C VAL B 141 -20.62 6.91 -18.02
N ALA B 142 -21.06 8.13 -18.24
CA ALA B 142 -21.90 8.41 -19.41
C ALA B 142 -21.08 8.88 -20.61
N GLY B 143 -20.17 9.82 -20.39
CA GLY B 143 -19.34 10.41 -21.45
C GLY B 143 -18.28 9.49 -22.02
N GLY B 144 -17.82 8.52 -21.23
CA GLY B 144 -16.92 7.47 -21.69
C GLY B 144 -15.87 7.85 -22.72
N SER B 145 -16.04 7.37 -23.95
CA SER B 145 -15.01 7.57 -24.98
C SER B 145 -14.90 9.03 -25.42
N LEU B 146 -15.97 9.82 -25.28
CA LEU B 146 -15.90 11.27 -25.57
C LEU B 146 -14.88 11.94 -24.66
N VAL B 147 -14.95 11.62 -23.37
CA VAL B 147 -14.02 12.17 -22.39
C VAL B 147 -12.60 11.62 -22.56
N LEU B 148 -12.48 10.30 -22.76
CA LEU B 148 -11.17 9.67 -22.96
C LEU B 148 -10.43 10.17 -24.18
N ARG B 149 -11.14 10.37 -25.29
CA ARG B 149 -10.52 10.88 -26.52
C ARG B 149 -10.08 12.34 -26.35
N ALA B 150 -10.68 13.03 -25.40
CA ALA B 150 -10.37 14.44 -25.13
C ALA B 150 -9.22 14.66 -24.15
N ALA B 151 -9.04 13.73 -23.22
CA ALA B 151 -8.04 13.88 -22.17
C ALA B 151 -6.67 13.39 -22.62
N ARG B 152 -5.62 14.07 -22.17
CA ARG B 152 -4.28 13.58 -22.41
C ARG B 152 -3.80 12.81 -21.17
N PRO B 153 -2.75 11.97 -21.32
CA PRO B 153 -2.34 11.13 -20.19
C PRO B 153 -2.05 11.96 -18.94
N GLY B 154 -2.57 11.52 -17.80
CA GLY B 154 -2.32 12.22 -16.54
C GLY B 154 -3.19 13.44 -16.28
N GLN B 155 -4.01 13.83 -17.24
CA GLN B 155 -4.80 15.07 -17.12
C GLN B 155 -5.92 14.96 -16.10
N ILE B 156 -6.57 13.80 -16.08
CA ILE B 156 -7.66 13.55 -15.16
C ILE B 156 -7.13 12.91 -13.89
N VAL B 157 -7.40 13.56 -12.75
CA VAL B 157 -7.06 13.02 -11.45
C VAL B 157 -8.36 12.81 -10.68
N PRO B 158 -8.61 11.57 -10.24
CA PRO B 158 -9.88 11.23 -9.60
C PRO B 158 -9.96 11.74 -8.16
N VAL B 159 -11.17 12.11 -7.74
CA VAL B 159 -11.35 12.73 -6.44
C VAL B 159 -11.91 11.72 -5.42
N ASP B 160 -12.61 10.68 -5.88
CA ASP B 160 -13.24 9.76 -4.93
C ASP B 160 -12.23 8.81 -4.27
N SER B 161 -12.56 8.38 -3.05
CA SER B 161 -11.60 7.70 -2.18
C SER B 161 -11.02 6.43 -2.82
N GLU B 162 -11.87 5.62 -3.45
CA GLU B 162 -11.41 4.36 -4.06
C GLU B 162 -10.42 4.63 -5.20
N HIS B 163 -10.80 5.51 -6.12
CA HIS B 163 -9.92 5.82 -7.25
C HIS B 163 -8.64 6.51 -6.83
N SER B 164 -8.74 7.39 -5.84
CA SER B 164 -7.58 8.04 -5.23
C SER B 164 -6.63 7.00 -4.63
N ALA B 165 -7.19 6.01 -3.92
CA ALA B 165 -6.44 4.89 -3.34
C ALA B 165 -5.69 4.10 -4.42
N LEU B 166 -6.40 3.75 -5.49
CA LEU B 166 -5.82 3.05 -6.64
C LEU B 166 -4.67 3.83 -7.32
N ALA B 167 -4.88 5.12 -7.56
CA ALA B 167 -3.83 5.98 -8.14
C ALA B 167 -2.53 5.94 -7.32
N GLN B 168 -2.68 5.94 -5.99
CA GLN B 168 -1.56 5.90 -5.06
C GLN B 168 -0.87 4.54 -5.04
N CYS B 169 -1.66 3.47 -4.98
CA CYS B 169 -1.13 2.09 -4.97
C CYS B 169 -0.43 1.70 -6.29
N LEU B 170 -0.88 2.25 -7.40
CA LEU B 170 -0.25 2.03 -8.70
C LEU B 170 1.19 2.56 -8.78
N ARG B 171 1.57 3.39 -7.81
CA ARG B 171 2.95 3.84 -7.70
C ARG B 171 3.88 2.69 -7.31
N GLY B 172 3.30 1.58 -6.86
CA GLY B 172 4.08 0.43 -6.39
C GLY B 172 4.74 -0.41 -7.47
N GLY B 173 4.53 -0.05 -8.74
CA GLY B 173 5.15 -0.73 -9.88
C GLY B 173 4.89 -0.02 -11.20
N THR B 174 5.42 -0.57 -12.29
CA THR B 174 5.12 -0.09 -13.64
C THR B 174 3.71 -0.57 -14.04
N PRO B 175 3.09 0.07 -15.06
CA PRO B 175 1.83 -0.44 -15.60
C PRO B 175 1.86 -1.93 -15.98
N ASP B 176 2.99 -2.38 -16.55
CA ASP B 176 3.13 -3.78 -16.97
C ASP B 176 3.17 -4.78 -15.81
N GLU B 177 3.40 -4.29 -14.60
CA GLU B 177 3.51 -5.15 -13.41
C GLU B 177 2.19 -5.40 -12.68
N VAL B 178 1.11 -4.80 -13.16
CA VAL B 178 -0.22 -4.89 -12.53
C VAL B 178 -0.95 -6.18 -12.91
N ALA B 179 -1.40 -6.92 -11.91
CA ALA B 179 -2.21 -8.12 -12.11
C ALA B 179 -3.70 -7.85 -11.90
N LYS B 180 -4.03 -7.16 -10.80
CA LYS B 180 -5.42 -6.92 -10.38
C LYS B 180 -5.57 -5.59 -9.68
N LEU B 181 -6.71 -4.93 -9.90
CA LEU B 181 -7.16 -3.83 -9.05
C LEU B 181 -8.30 -4.33 -8.18
N VAL B 182 -8.23 -4.05 -6.88
CA VAL B 182 -9.25 -4.53 -5.97
C VAL B 182 -9.85 -3.34 -5.26
N LEU B 183 -11.09 -3.01 -5.61
CA LEU B 183 -11.81 -1.95 -4.91
C LEU B 183 -12.45 -2.51 -3.68
N THR B 184 -12.38 -1.75 -2.60
CA THR B 184 -13.12 -2.10 -1.40
C THR B 184 -14.51 -1.48 -1.49
N ALA B 185 -15.47 -2.18 -0.87
CA ALA B 185 -16.86 -1.74 -0.78
C ALA B 185 -17.31 -1.89 0.67
N SER B 186 -18.03 -0.90 1.18
CA SER B 186 -18.55 -1.00 2.55
C SER B 186 -19.48 -2.20 2.73
N GLY B 187 -20.14 -2.60 1.63
CA GLY B 187 -21.15 -3.66 1.66
C GLY B 187 -22.55 -3.15 1.93
N GLY B 188 -22.65 -1.90 2.39
CA GLY B 188 -23.93 -1.23 2.69
C GLY B 188 -24.65 -1.74 3.93
N PRO B 189 -25.86 -1.21 4.20
CA PRO B 189 -26.68 -1.63 5.34
C PRO B 189 -27.12 -3.09 5.27
N PHE B 190 -27.11 -3.67 4.07
CA PHE B 190 -27.59 -5.05 3.85
C PHE B 190 -26.48 -6.07 3.57
N ARG B 191 -25.26 -5.73 3.97
CA ARG B 191 -24.14 -6.67 3.97
C ARG B 191 -24.56 -7.97 4.64
N GLY B 192 -24.38 -9.07 3.91
CA GLY B 192 -24.68 -10.40 4.44
C GLY B 192 -26.15 -10.80 4.41
N TRP B 193 -27.01 -9.89 3.98
CA TRP B 193 -28.44 -10.19 3.87
C TRP B 193 -28.71 -11.20 2.75
N SER B 194 -29.69 -12.07 2.96
CA SER B 194 -30.11 -13.03 1.95
C SER B 194 -31.03 -12.35 0.95
N ALA B 195 -31.34 -13.04 -0.15
CA ALA B 195 -32.30 -12.55 -1.13
C ALA B 195 -33.68 -12.35 -0.49
N ALA B 196 -34.08 -13.30 0.34
CA ALA B 196 -35.31 -13.20 1.13
C ALA B 196 -35.36 -11.97 2.02
N ASP B 197 -34.24 -11.66 2.67
CA ASP B 197 -34.12 -10.46 3.50
C ASP B 197 -34.38 -9.20 2.69
N LEU B 198 -33.79 -9.14 1.48
CA LEU B 198 -33.84 -7.94 0.65
C LEU B 198 -35.25 -7.59 0.18
N GLU B 199 -36.10 -8.61 0.07
CA GLU B 199 -37.49 -8.41 -0.32
C GLU B 199 -38.21 -7.40 0.58
N HIS B 200 -37.85 -7.39 1.86
CA HIS B 200 -38.51 -6.55 2.86
C HIS B 200 -37.92 -5.15 3.04
N VAL B 201 -36.89 -4.81 2.26
CA VAL B 201 -36.18 -3.53 2.44
C VAL B 201 -37.06 -2.32 2.14
N THR B 202 -37.12 -1.38 3.07
CA THR B 202 -37.88 -0.13 2.90
C THR B 202 -36.93 1.03 2.51
N PRO B 203 -37.46 2.06 1.82
CA PRO B 203 -36.63 3.25 1.54
C PRO B 203 -35.86 3.75 2.77
N GLU B 204 -36.52 3.88 3.92
CA GLU B 204 -35.84 4.32 5.15
C GLU B 204 -34.60 3.46 5.49
N GLN B 205 -34.79 2.14 5.57
CA GLN B 205 -33.70 1.19 5.83
C GLN B 205 -32.53 1.34 4.86
N ALA B 206 -32.87 1.63 3.60
CA ALA B 206 -31.87 1.76 2.52
C ALA B 206 -31.23 3.15 2.46
N GLY B 207 -31.48 3.95 3.49
CA GLY B 207 -30.85 5.26 3.65
C GLY B 207 -31.63 6.45 3.16
N ALA B 208 -32.96 6.30 3.02
CA ALA B 208 -33.80 7.44 2.72
C ALA B 208 -33.99 8.33 3.94
N HIS B 209 -33.23 9.42 3.97
CA HIS B 209 -33.35 10.46 4.99
C HIS B 209 -33.11 11.79 4.28
N PRO B 210 -33.85 12.85 4.65
CA PRO B 210 -33.55 14.18 4.09
C PRO B 210 -32.27 14.76 4.68
N THR B 211 -31.16 14.09 4.37
CA THR B 211 -29.83 14.53 4.78
C THR B 211 -29.43 15.77 3.96
N TRP B 212 -28.70 16.67 4.59
CA TRP B 212 -28.60 18.07 4.16
C TRP B 212 -27.60 18.38 3.04
N SER B 213 -26.50 17.63 2.96
CA SER B 213 -25.39 17.97 2.04
C SER B 213 -25.32 17.08 0.80
N MET B 214 -25.21 15.77 1.03
CA MET B 214 -25.19 14.78 -0.05
C MET B 214 -26.57 14.63 -0.72
N GLY B 215 -26.63 13.84 -1.79
CA GLY B 215 -27.88 13.54 -2.49
C GLY B 215 -28.55 12.28 -1.94
N PRO B 216 -29.87 12.12 -2.18
CA PRO B 216 -30.64 10.97 -1.71
C PRO B 216 -30.22 9.65 -2.39
N MET B 217 -29.66 9.76 -3.58
CA MET B 217 -29.23 8.62 -4.37
C MET B 217 -27.98 7.94 -3.82
N ASN B 218 -27.07 8.75 -3.26
CA ASN B 218 -25.77 8.28 -2.77
C ASN B 218 -25.84 7.11 -1.78
N THR B 219 -26.67 7.26 -0.75
CA THR B 219 -26.84 6.20 0.25
C THR B 219 -27.47 4.94 -0.35
N LEU B 220 -28.48 5.13 -1.20
CA LEU B 220 -29.15 4.00 -1.88
C LEU B 220 -28.23 3.28 -2.87
N ASN B 221 -27.45 4.03 -3.64
CA ASN B 221 -26.49 3.43 -4.58
C ASN B 221 -25.44 2.59 -3.85
N SER B 222 -25.11 3.04 -2.64
CA SER B 222 -24.23 2.29 -1.75
C SER B 222 -24.88 0.96 -1.32
N ALA B 223 -26.11 1.06 -0.81
CA ALA B 223 -26.91 -0.11 -0.39
C ALA B 223 -27.13 -1.15 -1.49
N SER B 224 -27.32 -0.69 -2.73
CA SER B 224 -27.70 -1.56 -3.84
C SER B 224 -26.51 -2.21 -4.56
N LEU B 225 -25.31 -1.74 -4.21
CA LEU B 225 -24.03 -2.05 -4.87
C LEU B 225 -23.88 -1.43 -6.27
N VAL B 226 -24.84 -0.61 -6.67
CA VAL B 226 -24.73 0.11 -7.94
C VAL B 226 -23.60 1.14 -7.88
N ASN B 227 -23.43 1.81 -6.74
CA ASN B 227 -22.30 2.74 -6.64
C ASN B 227 -20.99 2.07 -6.98
N LYS B 228 -20.77 0.88 -6.44
CA LYS B 228 -19.56 0.10 -6.69
C LYS B 228 -19.41 -0.29 -8.14
N GLY B 229 -20.52 -0.70 -8.74
CA GLY B 229 -20.59 -0.90 -10.19
C GLY B 229 -20.09 0.33 -10.94
N LEU B 230 -20.61 1.51 -10.61
CA LEU B 230 -20.16 2.77 -11.25
C LEU B 230 -18.67 3.02 -11.02
N GLU B 231 -18.19 2.71 -9.82
CA GLU B 231 -16.75 2.88 -9.50
C GLU B 231 -15.86 1.94 -10.31
N VAL B 232 -16.38 0.74 -10.59
CA VAL B 232 -15.65 -0.26 -11.40
C VAL B 232 -15.52 0.22 -12.86
N ILE B 233 -16.59 0.79 -13.41
CA ILE B 233 -16.58 1.38 -14.77
C ILE B 233 -15.57 2.53 -14.85
N GLU B 234 -15.60 3.41 -13.88
CA GLU B 234 -14.68 4.55 -13.82
C GLU B 234 -13.23 4.10 -13.70
N THR B 235 -13.00 3.05 -12.92
CA THR B 235 -11.68 2.42 -12.73
C THR B 235 -11.12 1.92 -14.07
N HIS B 236 -11.94 1.23 -14.85
CA HIS B 236 -11.51 0.76 -16.18
C HIS B 236 -11.05 1.92 -17.05
N LEU B 237 -11.85 2.99 -17.07
CA LEU B 237 -11.62 4.16 -17.91
C LEU B 237 -10.47 5.05 -17.44
N LEU B 238 -10.37 5.24 -16.12
CA LEU B 238 -9.27 6.00 -15.52
C LEU B 238 -7.88 5.35 -15.66
N PHE B 239 -7.82 4.03 -15.47
CA PHE B 239 -6.52 3.35 -15.37
C PHE B 239 -6.22 2.34 -16.49
N GLY B 240 -7.19 2.07 -17.37
CA GLY B 240 -6.97 1.19 -18.54
C GLY B 240 -6.70 -0.27 -18.21
N ILE B 241 -7.39 -0.77 -17.20
CA ILE B 241 -7.26 -2.13 -16.71
C ILE B 241 -8.51 -2.87 -17.21
N PRO B 242 -8.35 -4.07 -17.78
CA PRO B 242 -9.51 -4.84 -18.24
C PRO B 242 -10.47 -5.18 -17.11
N TYR B 243 -11.76 -5.24 -17.44
CA TYR B 243 -12.81 -5.55 -16.47
C TYR B 243 -12.60 -6.87 -15.73
N ASP B 244 -12.08 -7.89 -16.42
CA ASP B 244 -11.77 -9.17 -15.78
C ASP B 244 -10.63 -9.09 -14.75
N ARG B 245 -9.95 -7.95 -14.67
CA ARG B 245 -8.86 -7.71 -13.71
C ARG B 245 -9.26 -6.67 -12.65
N ILE B 246 -10.54 -6.31 -12.60
CA ILE B 246 -11.04 -5.37 -11.60
C ILE B 246 -11.99 -6.11 -10.67
N ASP B 247 -11.53 -6.34 -9.44
CA ASP B 247 -12.27 -7.11 -8.46
C ASP B 247 -12.84 -6.17 -7.39
N VAL B 248 -13.81 -6.68 -6.64
CA VAL B 248 -14.39 -5.95 -5.51
C VAL B 248 -14.31 -6.86 -4.28
N VAL B 249 -14.05 -6.26 -3.13
CA VAL B 249 -14.07 -6.98 -1.86
C VAL B 249 -14.84 -6.15 -0.87
N VAL B 250 -15.63 -6.79 -0.03
CA VAL B 250 -16.34 -6.07 1.01
C VAL B 250 -15.43 -5.91 2.23
N HIS B 251 -15.38 -4.69 2.75
CA HIS B 251 -14.50 -4.30 3.84
C HIS B 251 -15.30 -3.32 4.70
N PRO B 252 -16.00 -3.84 5.71
CA PRO B 252 -16.97 -3.05 6.49
C PRO B 252 -16.41 -1.79 7.16
N GLN B 253 -15.13 -1.76 7.52
CA GLN B 253 -14.51 -0.62 8.21
C GLN B 253 -14.22 0.58 7.33
N SER B 254 -14.12 0.35 6.01
CA SER B 254 -13.78 1.41 5.06
C SER B 254 -12.47 2.11 5.42
N ILE B 255 -11.50 1.35 5.92
CA ILE B 255 -10.21 1.92 6.27
C ILE B 255 -9.25 1.73 5.11
N ILE B 256 -9.18 0.50 4.59
CA ILE B 256 -8.51 0.26 3.30
C ILE B 256 -9.46 0.76 2.19
N HIS B 257 -8.98 1.72 1.39
CA HIS B 257 -9.83 2.34 0.39
C HIS B 257 -9.75 1.70 -1.00
N SER B 258 -8.74 0.85 -1.20
CA SER B 258 -8.57 -0.01 -2.38
C SER B 258 -7.14 -0.51 -2.40
N MET B 259 -6.86 -1.47 -3.28
CA MET B 259 -5.57 -2.16 -3.32
C MET B 259 -5.22 -2.53 -4.75
N VAL B 260 -3.91 -2.71 -4.98
CA VAL B 260 -3.38 -3.21 -6.25
C VAL B 260 -2.51 -4.44 -5.99
N THR B 261 -2.79 -5.52 -6.73
CA THR B 261 -1.96 -6.73 -6.71
C THR B 261 -1.07 -6.76 -7.96
N PHE B 262 0.22 -6.97 -7.74
CA PHE B 262 1.22 -6.97 -8.81
C PHE B 262 1.55 -8.41 -9.23
N ILE B 263 2.28 -8.56 -10.33
CA ILE B 263 2.54 -9.88 -10.94
C ILE B 263 3.38 -10.84 -10.09
N ASP B 264 4.10 -10.31 -9.10
CA ASP B 264 4.93 -11.14 -8.19
C ASP B 264 4.18 -11.70 -6.99
N GLY B 265 2.97 -11.23 -6.76
CA GLY B 265 2.16 -11.65 -5.60
C GLY B 265 2.06 -10.58 -4.52
N SER B 266 2.74 -9.45 -4.72
CA SER B 266 2.68 -8.37 -3.74
C SER B 266 1.40 -7.52 -3.91
N THR B 267 0.75 -7.19 -2.79
CA THR B 267 -0.39 -6.28 -2.84
C THR B 267 -0.03 -5.01 -2.08
N ILE B 268 -0.37 -3.87 -2.67
CA ILE B 268 -0.14 -2.56 -2.09
C ILE B 268 -1.52 -1.95 -1.85
N ALA B 269 -1.76 -1.49 -0.62
CA ALA B 269 -3.05 -0.95 -0.20
C ALA B 269 -2.88 0.46 0.34
N GLN B 270 -3.93 1.29 0.20
CA GLN B 270 -3.97 2.61 0.82
C GLN B 270 -4.99 2.59 1.94
N ALA B 271 -4.59 3.11 3.11
CA ALA B 271 -5.45 3.10 4.29
C ALA B 271 -5.48 4.45 4.98
N SER B 272 -6.67 4.86 5.41
CA SER B 272 -6.87 6.04 6.25
C SER B 272 -8.28 6.05 6.88
N PRO B 273 -8.42 6.65 8.08
CA PRO B 273 -9.78 6.80 8.58
C PRO B 273 -10.59 7.58 7.55
N PRO B 274 -11.85 7.16 7.30
CA PRO B 274 -12.75 7.85 6.37
C PRO B 274 -12.74 9.37 6.57
N ASP B 275 -12.33 10.10 5.52
CA ASP B 275 -12.30 11.57 5.51
C ASP B 275 -11.99 11.96 4.07
N MET B 276 -12.96 12.59 3.41
CA MET B 276 -12.83 12.95 2.00
C MET B 276 -11.84 14.07 1.74
N LYS B 277 -11.42 14.81 2.76
CA LYS B 277 -10.40 15.84 2.59
C LYS B 277 -9.06 15.29 2.12
N LEU B 278 -8.73 14.06 2.53
CA LEU B 278 -7.55 13.38 2.03
C LEU B 278 -7.56 13.26 0.49
N PRO B 279 -8.47 12.46 -0.10
CA PRO B 279 -8.44 12.33 -1.57
C PRO B 279 -8.71 13.64 -2.33
N ILE B 280 -9.52 14.52 -1.76
CA ILE B 280 -9.71 15.87 -2.35
C ILE B 280 -8.39 16.64 -2.37
N SER B 281 -7.69 16.72 -1.24
CA SER B 281 -6.41 17.46 -1.19
C SER B 281 -5.39 16.92 -2.19
N LEU B 282 -5.33 15.60 -2.32
CA LEU B 282 -4.38 14.98 -3.24
C LEU B 282 -4.74 15.23 -4.72
N ALA B 283 -6.02 15.16 -5.05
CA ALA B 283 -6.49 15.48 -6.41
C ALA B 283 -6.11 16.89 -6.79
N LEU B 284 -6.30 17.83 -5.85
CA LEU B 284 -5.97 19.24 -6.07
C LEU B 284 -4.49 19.49 -6.25
N GLY B 285 -3.68 18.83 -5.42
CA GLY B 285 -2.22 19.04 -5.45
C GLY B 285 -1.42 18.06 -6.30
N TRP B 286 -2.10 17.07 -6.88
CA TRP B 286 -1.43 15.97 -7.57
C TRP B 286 -0.26 16.47 -8.41
N PRO B 287 0.92 15.82 -8.30
CA PRO B 287 1.19 14.58 -7.56
C PRO B 287 1.71 14.80 -6.13
N ARG B 288 1.66 16.04 -5.63
CA ARG B 288 2.22 16.41 -4.34
C ARG B 288 1.19 16.34 -3.24
N ARG B 289 1.53 15.65 -2.15
CA ARG B 289 0.63 15.52 -1.01
C ARG B 289 0.54 16.83 -0.23
N VAL B 290 -0.62 17.07 0.38
CA VAL B 290 -0.88 18.26 1.20
C VAL B 290 -0.73 17.92 2.68
N SER B 291 0.31 18.46 3.30
CA SER B 291 0.57 18.25 4.71
C SER B 291 -0.67 18.58 5.58
N GLY B 292 -1.01 17.64 6.46
CA GLY B 292 -2.07 17.82 7.44
C GLY B 292 -3.50 17.74 6.95
N ALA B 293 -3.69 17.23 5.74
CA ALA B 293 -5.02 17.12 5.12
C ALA B 293 -6.02 16.34 5.95
N ALA B 294 -5.57 15.21 6.51
CA ALA B 294 -6.43 14.33 7.27
C ALA B 294 -5.64 13.62 8.38
N ALA B 295 -6.34 13.02 9.34
CA ALA B 295 -5.68 12.23 10.37
C ALA B 295 -5.27 10.88 9.80
N ALA B 296 -4.12 10.37 10.25
CA ALA B 296 -3.65 9.04 9.86
C ALA B 296 -4.25 7.93 10.73
N CYS B 297 -4.17 6.70 10.24
CA CYS B 297 -4.43 5.52 11.08
C CYS B 297 -3.61 5.57 12.37
N ASP B 298 -4.26 5.27 13.48
CA ASP B 298 -3.61 5.28 14.79
C ASP B 298 -3.56 3.86 15.32
N PHE B 299 -2.34 3.36 15.48
CA PHE B 299 -2.14 1.99 15.91
C PHE B 299 -1.92 1.84 17.42
N HIS B 300 -2.11 2.93 18.17
CA HIS B 300 -2.01 2.87 19.63
C HIS B 300 -3.21 2.17 20.25
N THR B 301 -4.29 2.04 19.48
CA THR B 301 -5.45 1.27 19.92
C THR B 301 -5.70 0.08 18.98
N ALA B 302 -6.20 -1.01 19.54
CA ALA B 302 -6.41 -2.25 18.81
C ALA B 302 -7.59 -2.16 17.85
N SER B 303 -7.41 -2.75 16.67
CA SER B 303 -8.43 -2.73 15.63
C SER B 303 -8.25 -3.94 14.74
N SER B 304 -9.24 -4.20 13.90
CA SER B 304 -9.09 -5.20 12.85
C SER B 304 -9.64 -4.68 11.52
N TRP B 305 -9.06 -5.14 10.42
CA TRP B 305 -9.53 -4.81 9.09
C TRP B 305 -10.03 -6.10 8.48
N GLU B 306 -11.34 -6.16 8.26
CA GLU B 306 -12.02 -7.39 7.84
C GLU B 306 -12.35 -7.33 6.36
N PHE B 307 -12.21 -8.47 5.71
CA PHE B 307 -12.56 -8.62 4.30
C PHE B 307 -13.49 -9.79 4.12
N GLU B 308 -14.46 -9.64 3.23
CA GLU B 308 -15.31 -10.76 2.83
C GLU B 308 -15.76 -10.61 1.38
N PRO B 309 -16.00 -11.75 0.69
CA PRO B 309 -16.52 -11.67 -0.67
C PRO B 309 -17.94 -11.08 -0.73
N LEU B 310 -18.25 -10.46 -1.87
CA LEU B 310 -19.60 -10.06 -2.18
C LEU B 310 -20.36 -11.28 -2.71
N ASP B 311 -21.57 -11.56 -2.18
CA ASP B 311 -22.41 -12.57 -2.83
C ASP B 311 -23.02 -11.97 -4.09
N THR B 312 -22.52 -12.38 -5.25
CA THR B 312 -22.95 -11.80 -6.52
C THR B 312 -24.31 -12.34 -6.97
N ASP B 313 -24.79 -13.39 -6.30
CA ASP B 313 -26.15 -13.90 -6.53
C ASP B 313 -27.19 -12.96 -5.91
N VAL B 314 -26.92 -12.49 -4.71
CA VAL B 314 -27.78 -11.53 -4.02
C VAL B 314 -27.55 -10.09 -4.53
N PHE B 315 -26.28 -9.76 -4.81
CA PHE B 315 -25.87 -8.42 -5.28
C PHE B 315 -25.15 -8.48 -6.65
N PRO B 316 -25.92 -8.60 -7.76
CA PRO B 316 -25.32 -8.68 -9.10
C PRO B 316 -24.98 -7.34 -9.79
N ALA B 317 -25.17 -6.21 -9.10
CA ALA B 317 -24.92 -4.88 -9.71
C ALA B 317 -23.53 -4.66 -10.28
N VAL B 318 -22.51 -5.26 -9.67
CA VAL B 318 -21.12 -5.12 -10.17
C VAL B 318 -20.87 -5.97 -11.42
N GLU B 319 -21.33 -7.22 -11.38
CA GLU B 319 -21.31 -8.09 -12.58
C GLU B 319 -22.01 -7.41 -13.77
N LEU B 320 -23.17 -6.81 -13.50
CA LEU B 320 -23.91 -6.06 -14.51
C LEU B 320 -23.15 -4.85 -15.06
N ALA B 321 -22.44 -4.13 -14.19
CA ALA B 321 -21.60 -3.01 -14.61
C ALA B 321 -20.46 -3.46 -15.52
N ARG B 322 -19.80 -4.56 -15.17
CA ARG B 322 -18.77 -5.14 -16.03
C ARG B 322 -19.35 -5.54 -17.39
N GLN B 323 -20.55 -6.12 -17.40
CA GLN B 323 -21.23 -6.46 -18.67
C GLN B 323 -21.43 -5.22 -19.54
N ALA B 324 -21.95 -4.14 -18.93
CA ALA B 324 -22.15 -2.86 -19.62
C ALA B 324 -20.83 -2.28 -20.12
N GLY B 325 -19.82 -2.30 -19.26
CA GLY B 325 -18.52 -1.75 -19.60
C GLY B 325 -17.82 -2.47 -20.73
N VAL B 326 -17.91 -3.80 -20.73
CA VAL B 326 -17.28 -4.61 -21.79
C VAL B 326 -17.94 -4.36 -23.16
N ALA B 327 -19.26 -4.19 -23.15
CA ALA B 327 -20.04 -3.93 -24.36
C ALA B 327 -19.65 -2.58 -24.96
N GLY B 328 -19.42 -1.60 -24.09
CA GLY B 328 -18.83 -0.32 -24.49
C GLY B 328 -19.82 0.66 -25.08
N GLY B 329 -19.29 1.64 -25.82
CA GLY B 329 -20.10 2.68 -26.45
C GLY B 329 -20.86 3.47 -25.41
N CYS B 330 -22.18 3.42 -25.51
CA CYS B 330 -23.07 4.13 -24.58
C CYS B 330 -23.76 3.22 -23.58
N MET B 331 -23.31 1.97 -23.46
CA MET B 331 -23.96 1.00 -22.57
C MET B 331 -23.84 1.36 -21.09
N THR B 332 -22.74 1.99 -20.70
CA THR B 332 -22.57 2.40 -19.29
C THR B 332 -23.47 3.61 -18.98
N ALA B 333 -23.69 4.47 -19.97
CA ALA B 333 -24.71 5.50 -19.90
C ALA B 333 -26.10 4.91 -19.66
N VAL B 334 -26.40 3.79 -20.34
CA VAL B 334 -27.69 3.10 -20.17
C VAL B 334 -27.84 2.48 -18.76
N TYR B 335 -26.80 1.77 -18.33
CA TYR B 335 -26.70 1.25 -16.97
C TYR B 335 -27.09 2.31 -15.93
N ASN B 336 -26.40 3.44 -15.98
CA ASN B 336 -26.58 4.53 -15.03
C ASN B 336 -27.96 5.21 -15.09
N ALA B 337 -28.46 5.44 -16.30
CA ALA B 337 -29.79 6.04 -16.50
C ALA B 337 -30.91 5.10 -16.01
N ALA B 338 -30.77 3.81 -16.32
CA ALA B 338 -31.69 2.79 -15.82
C ALA B 338 -31.73 2.77 -14.28
N ASN B 339 -30.55 2.86 -13.66
CA ASN B 339 -30.44 2.98 -12.20
C ASN B 339 -31.16 4.19 -11.64
N GLU B 340 -30.89 5.37 -12.20
CA GLU B 340 -31.50 6.61 -11.67
C GLU B 340 -33.01 6.49 -11.63
N GLU B 341 -33.58 5.90 -12.69
CA GLU B 341 -35.03 5.75 -12.81
C GLU B 341 -35.57 4.68 -11.84
N ALA B 342 -34.96 3.51 -11.86
CA ALA B 342 -35.34 2.42 -10.96
C ALA B 342 -35.21 2.82 -9.48
N ALA B 343 -34.09 3.44 -9.14
CA ALA B 343 -33.81 3.85 -7.76
C ALA B 343 -34.84 4.85 -7.25
N ALA B 344 -35.24 5.79 -8.12
CA ALA B 344 -36.23 6.79 -7.77
C ALA B 344 -37.61 6.15 -7.55
N ALA B 345 -37.93 5.15 -8.39
CA ALA B 345 -39.17 4.39 -8.27
C ALA B 345 -39.25 3.61 -6.95
N PHE B 346 -38.13 3.05 -6.52
CA PHE B 346 -38.08 2.37 -5.22
C PHE B 346 -38.31 3.34 -4.05
N LEU B 347 -37.66 4.51 -4.10
CA LEU B 347 -37.81 5.53 -3.05
C LEU B 347 -39.23 6.10 -3.01
N ALA B 348 -39.93 5.98 -4.14
CA ALA B 348 -41.31 6.45 -4.28
C ALA B 348 -42.33 5.37 -3.95
N GLY B 349 -41.85 4.15 -3.69
CA GLY B 349 -42.73 3.05 -3.31
C GLY B 349 -43.35 2.32 -4.47
N ARG B 350 -42.81 2.54 -5.67
CA ARG B 350 -43.36 1.97 -6.90
C ARG B 350 -42.83 0.56 -7.21
N ILE B 351 -41.66 0.23 -6.66
CA ILE B 351 -41.07 -1.10 -6.82
C ILE B 351 -40.41 -1.54 -5.50
N GLY B 352 -40.10 -2.83 -5.37
CA GLY B 352 -39.34 -3.32 -4.23
C GLY B 352 -37.84 -3.13 -4.42
N PHE B 353 -37.07 -3.34 -3.35
CA PHE B 353 -35.63 -3.10 -3.40
C PHE B 353 -34.86 -3.97 -4.41
N PRO B 354 -35.14 -5.29 -4.47
CA PRO B 354 -34.40 -6.13 -5.40
C PRO B 354 -34.70 -5.80 -6.86
N ALA B 355 -35.83 -5.14 -7.10
CA ALA B 355 -36.25 -4.77 -8.45
C ALA B 355 -35.42 -3.66 -9.08
N ILE B 356 -34.69 -2.90 -8.27
CA ILE B 356 -33.80 -1.87 -8.80
C ILE B 356 -32.79 -2.50 -9.76
N VAL B 357 -32.00 -3.46 -9.27
CA VAL B 357 -30.96 -4.07 -10.12
C VAL B 357 -31.59 -4.99 -11.17
N GLY B 358 -32.75 -5.55 -10.83
CA GLY B 358 -33.55 -6.33 -11.78
C GLY B 358 -33.95 -5.52 -13.01
N ILE B 359 -34.41 -4.29 -12.79
CA ILE B 359 -34.78 -3.40 -13.92
C ILE B 359 -33.55 -2.96 -14.71
N ILE B 360 -32.44 -2.70 -14.02
CA ILE B 360 -31.20 -2.37 -14.74
C ILE B 360 -30.84 -3.49 -15.72
N ALA B 361 -30.89 -4.73 -15.23
CA ALA B 361 -30.53 -5.88 -16.05
C ALA B 361 -31.43 -5.95 -17.28
N ASP B 362 -32.74 -5.86 -17.04
CA ASP B 362 -33.75 -5.92 -18.10
C ASP B 362 -33.60 -4.83 -19.15
N VAL B 363 -33.32 -3.59 -18.70
CA VAL B 363 -33.07 -2.49 -19.64
C VAL B 363 -31.77 -2.74 -20.43
N LEU B 364 -30.71 -3.10 -19.71
CA LEU B 364 -29.42 -3.40 -20.33
C LEU B 364 -29.49 -4.48 -21.40
N HIS B 365 -30.28 -5.52 -21.13
CA HIS B 365 -30.32 -6.66 -22.06
C HIS B 365 -31.06 -6.33 -23.35
N ALA B 366 -31.86 -5.25 -23.33
CA ALA B 366 -32.54 -4.74 -24.50
C ALA B 366 -31.78 -3.64 -25.25
N ALA B 367 -30.60 -3.26 -24.74
CA ALA B 367 -29.93 -2.01 -25.13
C ALA B 367 -28.80 -2.09 -26.15
N ASP B 368 -28.58 -3.25 -26.77
CA ASP B 368 -27.40 -3.47 -27.64
C ASP B 368 -27.25 -2.45 -28.78
N GLN B 369 -28.33 -1.76 -29.15
CA GLN B 369 -28.23 -0.70 -30.15
C GLN B 369 -27.32 0.43 -29.69
N TRP B 370 -27.15 0.54 -28.37
CA TRP B 370 -26.35 1.62 -27.76
C TRP B 370 -24.87 1.29 -27.56
N ALA B 371 -24.47 0.11 -28.01
CA ALA B 371 -23.07 -0.32 -27.94
C ALA B 371 -22.17 0.46 -28.90
N VAL B 372 -22.78 1.29 -29.75
CA VAL B 372 -22.02 2.17 -30.65
C VAL B 372 -21.36 3.32 -29.87
N GLU B 373 -20.16 3.71 -30.30
CA GLU B 373 -19.43 4.82 -29.68
C GLU B 373 -20.12 6.14 -30.01
N PRO B 374 -20.27 7.04 -29.00
CA PRO B 374 -20.89 8.32 -29.30
C PRO B 374 -19.92 9.27 -30.02
N ALA B 375 -20.44 10.10 -30.91
CA ALA B 375 -19.64 11.12 -31.58
C ALA B 375 -19.81 12.46 -30.87
N THR B 376 -20.98 12.66 -30.28
CA THR B 376 -21.39 13.93 -29.68
C THR B 376 -22.00 13.72 -28.30
N VAL B 377 -22.11 14.81 -27.53
CA VAL B 377 -22.84 14.81 -26.26
C VAL B 377 -24.30 14.41 -26.48
N ASP B 378 -24.88 14.87 -27.60
CA ASP B 378 -26.24 14.52 -27.99
C ASP B 378 -26.48 13.02 -28.09
N ASP B 379 -25.51 12.28 -28.62
CA ASP B 379 -25.56 10.81 -28.68
C ASP B 379 -25.66 10.19 -27.27
N VAL B 380 -24.90 10.73 -26.33
CA VAL B 380 -24.95 10.26 -24.95
C VAL B 380 -26.34 10.52 -24.37
N LEU B 381 -26.84 11.73 -24.62
CA LEU B 381 -28.19 12.15 -24.19
C LEU B 381 -29.29 11.26 -24.73
N ASP B 382 -29.17 10.91 -26.02
CA ASP B 382 -30.12 9.96 -26.65
C ASP B 382 -30.15 8.59 -25.95
N ALA B 383 -29.00 8.02 -25.65
CA ALA B 383 -28.94 6.73 -24.94
C ALA B 383 -29.62 6.81 -23.57
N GLN B 384 -29.32 7.89 -22.85
CA GLN B 384 -29.90 8.15 -21.53
C GLN B 384 -31.43 8.28 -21.59
N ARG B 385 -31.93 8.96 -22.63
CA ARG B 385 -33.36 9.15 -22.87
C ARG B 385 -34.09 7.81 -23.08
N TRP B 386 -33.49 6.97 -23.93
CA TRP B 386 -34.02 5.64 -24.24
C TRP B 386 -34.06 4.77 -22.98
N ALA B 387 -32.94 4.76 -22.26
CA ALA B 387 -32.79 3.98 -21.02
C ALA B 387 -33.82 4.38 -19.96
N ARG B 388 -34.00 5.69 -19.79
CA ARG B 388 -34.96 6.25 -18.82
C ARG B 388 -36.39 5.81 -19.15
N GLU B 389 -36.78 5.92 -20.42
CA GLU B 389 -38.11 5.51 -20.88
C GLU B 389 -38.32 4.01 -20.74
N ARG B 390 -37.30 3.25 -21.10
CA ARG B 390 -37.31 1.79 -21.00
C ARG B 390 -37.51 1.33 -19.55
N ALA B 391 -36.82 2.01 -18.63
CA ALA B 391 -36.93 1.73 -17.20
C ALA B 391 -38.29 2.12 -16.63
N GLN B 392 -38.84 3.23 -17.11
CA GLN B 392 -40.20 3.65 -16.77
C GLN B 392 -41.24 2.60 -17.16
N ARG B 393 -41.11 2.05 -18.36
CA ARG B 393 -42.00 0.99 -18.87
C ARG B 393 -41.91 -0.28 -18.01
N ALA B 394 -40.71 -0.60 -17.55
CA ALA B 394 -40.49 -1.75 -16.68
C ALA B 394 -41.15 -1.57 -15.32
N VAL B 395 -41.04 -0.35 -14.78
CA VAL B 395 -41.62 -0.01 -13.46
C VAL B 395 -43.15 -0.03 -13.50
N SER B 396 -43.73 0.56 -14.54
CA SER B 396 -45.18 0.77 -14.63
C SER B 396 -45.95 -0.48 -15.08
N GLY B 397 -45.28 -1.35 -15.83
CA GLY B 397 -45.93 -2.51 -16.43
C GLY B 397 -46.46 -2.23 -17.83
N MET B 398 -45.71 -1.44 -18.60
CA MET B 398 -46.10 -1.08 -19.96
C MET B 398 -44.94 -1.33 -20.93
CL2 FM5 C . 4.84 -15.42 9.36
C9 FM5 C . 6.08 -14.42 10.19
C10 FM5 C . 6.43 -14.72 11.53
C11 FM5 C . 7.40 -13.95 12.19
C8 FM5 C . 6.67 -13.33 9.53
CL1 FM5 C . 6.20 -12.95 7.82
C7 FM5 C . 7.63 -12.57 10.19
C6 FM5 C . 8.00 -12.86 11.53
C4 FM5 C . 9.09 -11.99 12.20
PA1 FM5 C . 8.60 -11.26 13.78
OP1 FM5 C . 7.55 -10.24 13.41
OP2 FM5 C . 9.84 -10.62 14.35
OP3 FM5 C . 8.07 -12.35 14.65
C3 FM5 C . 10.40 -12.78 12.34
C2 FM5 C . 10.84 -13.50 11.06
N1 FM5 C . 11.30 -12.51 10.09
O2 FM5 C . 12.32 -11.65 10.50
C1 FM5 C . 10.87 -12.36 8.81
O1 FM5 C . 11.02 -11.32 8.18
C5 FM5 C . 10.23 -13.55 8.14
MN MN D . 11.81 -9.81 9.41
S SO4 E . 25.73 -24.44 7.26
O1 SO4 E . 26.02 -23.16 6.60
O2 SO4 E . 25.56 -25.48 6.25
O3 SO4 E . 26.83 -24.79 8.15
O4 SO4 E . 24.49 -24.30 8.04
S SO4 F . 12.74 2.55 -6.40
O1 SO4 F . 12.61 3.88 -6.98
O2 SO4 F . 12.61 1.52 -7.43
O3 SO4 F . 11.71 2.37 -5.38
O4 SO4 F . 14.07 2.43 -5.80
MN MN G . -16.58 5.88 -3.32
S SO4 H . -19.72 2.02 -1.00
O1 SO4 H . -20.04 2.05 -2.40
O2 SO4 H . -18.43 1.36 -0.74
O3 SO4 H . -20.76 1.29 -0.28
O4 SO4 H . -19.67 3.37 -0.51
#